data_7XDD
#
_entry.id   7XDD
#
_cell.length_a   1.00
_cell.length_b   1.00
_cell.length_c   1.00
_cell.angle_alpha   90.00
_cell.angle_beta   90.00
_cell.angle_gamma   90.00
#
_symmetry.space_group_name_H-M   'P 1'
#
loop_
_entity.id
_entity.type
_entity.pdbx_description
1 polymer 'Lipase-like PAD4'
2 polymer 'Protein EDS1'
#
loop_
_entity_poly.entity_id
_entity_poly.type
_entity_poly.pdbx_seq_one_letter_code
_entity_poly.pdbx_strand_id
1 'polypeptide(L)'
;CRFETSELQASVMISTPLFTDSWSSCNTANCNGSIKIHDIAGITYVAIPAVSMIQLGNLVGLPVTGDVLFPGLSSDEPLP
MVDAAILKLFLQLKIKEGLELELLGKKLVVITGHSTGGALAAFTALWLLSQSSPPSFRVFCITFGSPLLGNQSLSTSISR
SRLAHNFCHVVSIHDLVPRSSNEQFWPFGTYLFCSDKGGVCLDNAGSVRLMFNILNTTATQNTEEHQRYGHYVFTLSHMF
LKSRSFLGGSIPDNSYQAGVALAVEALGFSNDDTSGVLVKECIETATRIVRAPILRSAELANELASVLPARLEIQWYKDR
CDASEEQLGYYDFFKRYSLKRDFKVNMSRIRLAKFWDTVIKMVETNELPFDFHLGKKWIYASQFYQLLAEPLDIANFYKN
RDIKTGGHYLEGNRPKRYEVIDKWQKGVKVPEECVRSRYASTTQDTCFWAKLEQAKEWLDEARKESSDPQRRSLLREKIV
PFESYANTLVTKKEVSLDVKAKNSSYSVWEANLKEFKCKMGYENEIEMVVDESDAMET
;
A
2 'polypeptide(L)'
;MAFEALTGINGDLITRSWSASKQAYLTERYHKEEAGAVVIFAFQPSFSEKDFFDPDNKSSFGEIKLNRVQFPCMRKIGKG
DVATVNEAFLKNLEAIIDPRTSFQASVEMAVRSRKQIVFTGHSSGGATAILATVWYLEKYFIRNPNVYLEPRCVTFGAPL
VGDSIFSHALGREKWSRFFVNFVSRFDIVPRIMLARKASVEETLPHVLAQLDPRKSSVQESEQRITEFYTRVMRDTSTVA
NQAVCELTGSAEAFLETLSSFLELSPYRPAGTFVFSTEKRLVAVNNSDAILQMLFYTSQASDEQEWSLIPFRSIRDHHSY
EELVQSMGKKLFNHLDGENSIESTLNDLGVSTRGRQYVQAALEEEKKRVENQKKIIQVIEQERFLKKLAWIEDEYKPKCQ
AHKNGYYDSFKVSNEENDFKANVKRAELAGVFDEVLGLMKKCQLPDEFEGDIDWIKLATRYRRLVEPLDIANYHRHLKNE
DTGPYMKRGRPTRYIYAQRGYEHYILKPNGMIAEDVFWNKVNGLNLGLQLEEIQETLKNSGSECGSCFWAEVEELKGKPY
EEVEVRVKTLEGMLGEWITDGEVDDKEIFLEGSTFRKWWITLPKNHKSHSPLRDYMMDEITDT
;
B
#
# COMPACT_ATOMS: atom_id res chain seq x y z
N CYS A 1 19.56 -10.73 -0.12
CA CYS A 1 19.43 -12.10 -0.67
C CYS A 1 19.26 -12.02 -2.19
N ARG A 2 18.38 -11.14 -2.69
CA ARG A 2 18.11 -11.11 -4.15
C ARG A 2 18.41 -9.73 -4.74
N PHE A 3 18.03 -8.65 -4.04
CA PHE A 3 18.21 -7.30 -4.63
C PHE A 3 19.06 -6.43 -3.70
N GLU A 4 20.03 -5.70 -4.26
CA GLU A 4 20.82 -4.74 -3.45
C GLU A 4 20.14 -3.38 -3.49
N THR A 5 19.77 -2.83 -2.32
CA THR A 5 19.03 -1.56 -2.29
C THR A 5 19.87 -0.45 -1.64
N SER A 6 21.00 -0.80 -1.03
CA SER A 6 21.82 0.21 -0.30
C SER A 6 22.23 1.34 -1.24
N GLU A 7 22.78 1.01 -2.41
CA GLU A 7 23.24 2.04 -3.38
C GLU A 7 22.02 2.75 -3.99
N LEU A 8 20.93 2.02 -4.22
CA LEU A 8 19.71 2.61 -4.82
C LEU A 8 19.13 3.66 -3.87
N GLN A 9 18.94 3.32 -2.59
CA GLN A 9 18.41 4.26 -1.62
C GLN A 9 19.24 5.54 -1.60
N ALA A 10 20.56 5.41 -1.66
CA ALA A 10 21.43 6.57 -1.71
C ALA A 10 21.20 7.39 -2.96
N SER A 11 21.04 6.72 -4.10
CA SER A 11 20.75 7.43 -5.35
C SER A 11 19.42 8.17 -5.27
N VAL A 12 18.42 7.53 -4.66
CA VAL A 12 17.12 8.18 -4.47
C VAL A 12 17.27 9.44 -3.65
N MET A 13 18.01 9.35 -2.54
CA MET A 13 18.20 10.52 -1.69
C MET A 13 18.98 11.61 -2.41
N ILE A 14 20.03 11.23 -3.16
CA ILE A 14 20.87 12.20 -3.82
C ILE A 14 20.11 12.94 -4.91
N SER A 15 19.22 12.25 -5.63
CA SER A 15 18.55 12.85 -6.77
C SER A 15 17.49 13.87 -6.39
N THR A 16 17.15 14.00 -5.12
CA THR A 16 16.06 14.88 -4.73
C THR A 16 16.53 16.33 -4.64
N PRO A 17 15.60 17.29 -4.77
CA PRO A 17 15.96 18.69 -4.49
C PRO A 17 16.33 18.95 -3.03
N LEU A 18 15.85 18.13 -2.10
CA LEU A 18 16.16 18.32 -0.69
C LEU A 18 17.67 18.30 -0.46
N PHE A 19 18.39 17.45 -1.18
CA PHE A 19 19.83 17.33 -1.00
C PHE A 19 20.53 18.66 -1.22
N THR A 20 20.45 19.18 -2.44
CA THR A 20 21.12 20.43 -2.77
C THR A 20 20.54 21.62 -2.02
N ASP A 21 19.22 21.64 -1.80
CA ASP A 21 18.64 22.74 -1.04
C ASP A 21 19.15 22.76 0.39
N SER A 22 19.25 21.59 1.02
CA SER A 22 19.78 21.50 2.38
C SER A 22 21.23 21.96 2.42
N TRP A 23 22.04 21.53 1.44
CA TRP A 23 23.42 21.99 1.48
C TRP A 23 23.53 23.49 1.22
N SER A 24 22.69 24.04 0.36
CA SER A 24 22.71 25.48 0.11
C SER A 24 22.34 26.25 1.36
N SER A 25 21.32 25.78 2.08
CA SER A 25 20.95 26.42 3.34
C SER A 25 22.07 26.32 4.36
N CYS A 26 22.74 25.17 4.45
CA CYS A 26 23.86 25.02 5.37
C CYS A 26 24.98 25.97 5.02
N ASN A 27 25.29 26.12 3.73
CA ASN A 27 26.33 27.04 3.32
C ASN A 27 25.98 28.48 3.67
N THR A 28 24.72 28.87 3.44
CA THR A 28 24.30 30.22 3.78
C THR A 28 24.38 30.45 5.29
N ALA A 29 23.95 29.47 6.08
CA ALA A 29 24.01 29.62 7.53
C ALA A 29 25.45 29.72 8.01
N ASN A 30 26.35 28.92 7.44
CA ASN A 30 27.76 29.02 7.79
C ASN A 30 28.33 30.39 7.43
N CYS A 31 27.97 30.92 6.26
CA CYS A 31 28.50 32.22 5.85
C CYS A 31 27.98 33.33 6.75
N ASN A 32 26.66 33.38 6.94
CA ASN A 32 26.09 34.37 7.85
C ASN A 32 26.56 34.14 9.28
N GLY A 33 26.58 32.88 9.72
CA GLY A 33 27.04 32.55 11.05
C GLY A 33 25.94 32.37 12.08
N SER A 34 24.67 32.44 11.68
CA SER A 34 23.56 32.31 12.62
C SER A 34 22.52 31.36 12.04
N ILE A 35 21.48 31.10 12.84
CA ILE A 35 20.40 30.24 12.39
C ILE A 35 19.61 30.94 11.29
N LYS A 36 19.33 30.22 10.21
CA LYS A 36 18.53 30.76 9.13
C LYS A 36 17.29 29.91 8.91
N ILE A 37 16.18 30.57 8.58
CA ILE A 37 14.97 29.90 8.15
C ILE A 37 14.61 30.44 6.78
N HIS A 38 14.34 29.54 5.84
CA HIS A 38 14.28 29.85 4.42
C HIS A 38 13.16 29.02 3.81
N ASP A 39 12.64 29.45 2.66
CA ASP A 39 11.59 28.72 1.97
C ASP A 39 12.00 28.53 0.52
N ILE A 40 12.15 27.27 0.10
CA ILE A 40 12.48 26.94 -1.28
C ILE A 40 11.47 25.92 -1.77
N ALA A 41 10.80 26.24 -2.88
CA ALA A 41 9.87 25.32 -3.54
C ALA A 41 8.80 24.81 -2.57
N GLY A 42 8.34 25.69 -1.69
CA GLY A 42 7.30 25.34 -0.75
C GLY A 42 7.76 24.57 0.47
N ILE A 43 9.06 24.29 0.59
CA ILE A 43 9.61 23.56 1.72
C ILE A 43 10.41 24.53 2.57
N THR A 44 10.18 24.49 3.88
CA THR A 44 10.91 25.32 4.82
C THR A 44 12.20 24.62 5.26
N TYR A 45 13.28 25.38 5.30
CA TYR A 45 14.59 24.88 5.69
C TYR A 45 15.07 25.66 6.90
N VAL A 46 15.44 24.94 7.96
CA VAL A 46 16.07 25.51 9.13
C VAL A 46 17.54 25.08 9.08
N ALA A 47 18.41 26.01 8.72
CA ALA A 47 19.84 25.74 8.66
C ALA A 47 20.49 26.26 9.93
N ILE A 48 21.15 25.37 10.65
CA ILE A 48 21.82 25.67 11.92
C ILE A 48 23.31 25.73 11.68
N PRO A 49 23.97 26.85 11.95
CA PRO A 49 25.38 26.99 11.59
C PRO A 49 26.29 26.17 12.49
N ALA A 50 27.45 25.83 11.95
CA ALA A 50 28.47 25.16 12.72
C ALA A 50 28.99 26.09 13.80
N VAL A 51 28.83 25.70 15.06
CA VAL A 51 29.19 26.53 16.19
C VAL A 51 30.44 25.95 16.83
N SER A 52 31.48 26.76 16.93
CA SER A 52 32.72 26.32 17.54
C SER A 52 32.58 26.24 19.06
N MET A 53 33.01 25.14 19.64
CA MET A 53 33.03 24.94 21.08
C MET A 53 34.28 24.17 21.47
N ILE A 54 34.38 23.86 22.76
CA ILE A 54 35.55 23.21 23.31
C ILE A 54 35.28 21.79 23.77
N GLN A 55 34.06 21.48 24.20
CA GLN A 55 33.75 20.20 24.84
C GLN A 55 32.78 19.41 23.99
N LEU A 56 33.11 18.14 23.76
CA LEU A 56 32.24 17.20 23.06
C LEU A 56 32.66 15.79 23.44
N GLY A 57 31.75 15.04 24.06
CA GLY A 57 32.06 13.68 24.45
C GLY A 57 31.49 13.31 25.81
N ASN A 58 30.80 14.24 26.45
CA ASN A 58 30.23 14.01 27.76
C ASN A 58 28.72 13.82 27.63
N LEU A 59 28.22 12.68 28.10
CA LEU A 59 26.82 12.34 27.97
C LEU A 59 26.07 12.68 29.24
N VAL A 60 24.86 13.23 29.08
CA VAL A 60 23.97 13.52 30.19
C VAL A 60 22.57 13.07 29.78
N GLY A 61 21.82 12.56 30.75
CA GLY A 61 20.48 12.10 30.49
C GLY A 61 19.56 13.22 30.05
N LEU A 62 18.47 12.83 29.39
CA LEU A 62 17.51 13.79 28.88
C LEU A 62 16.80 14.52 30.02
N PRO A 63 16.56 15.82 29.87
CA PRO A 63 15.95 16.59 30.97
C PRO A 63 14.46 16.34 31.10
N VAL A 64 14.03 15.91 32.28
CA VAL A 64 12.61 15.65 32.53
C VAL A 64 11.91 16.86 33.12
N THR A 65 12.65 17.83 33.66
CA THR A 65 12.08 19.05 34.22
C THR A 65 12.69 20.25 33.49
N GLY A 66 12.01 20.72 32.44
CA GLY A 66 12.49 21.87 31.71
C GLY A 66 11.55 22.22 30.56
N ASP A 67 11.83 23.36 29.94
CA ASP A 67 11.06 23.77 28.78
C ASP A 67 11.21 22.78 27.63
N VAL A 68 12.37 22.15 27.52
CA VAL A 68 12.62 21.16 26.47
C VAL A 68 12.39 19.75 27.01
N LEU A 69 11.19 19.23 26.77
CA LEU A 69 10.81 17.90 27.30
C LEU A 69 10.82 16.89 26.15
N PHE A 70 10.89 15.59 26.50
CA PHE A 70 10.93 14.51 25.47
C PHE A 70 10.01 13.35 25.90
N PRO A 71 8.67 13.50 25.81
CA PRO A 71 7.76 12.40 26.14
C PRO A 71 8.01 11.12 25.32
N GLY A 72 8.43 11.28 24.05
CA GLY A 72 8.65 10.12 23.18
C GLY A 72 9.79 9.23 23.65
N LEU A 73 10.95 9.81 23.98
CA LEU A 73 12.13 8.98 24.33
C LEU A 73 12.32 8.93 25.85
N SER A 74 11.52 8.14 26.55
CA SER A 74 11.67 7.96 28.02
C SER A 74 11.33 6.51 28.35
N SER A 75 11.13 5.68 27.31
CA SER A 75 10.74 4.26 27.53
C SER A 75 11.98 3.40 27.77
N ASP A 76 13.07 3.66 27.04
CA ASP A 76 14.28 2.82 27.16
C ASP A 76 14.72 2.77 28.63
N GLU A 77 14.86 1.57 29.19
CA GLU A 77 15.25 1.40 30.62
C GLU A 77 16.51 2.23 30.94
N PRO A 78 17.68 2.05 30.28
CA PRO A 78 18.82 2.94 30.52
C PRO A 78 18.36 4.31 29.99
N LEU A 79 18.21 5.32 30.85
CA LEU A 79 17.65 6.62 30.40
C LEU A 79 18.42 7.11 29.17
N PRO A 80 17.76 7.30 28.00
CA PRO A 80 18.43 7.85 26.81
C PRO A 80 19.25 9.11 27.16
N MET A 81 20.55 9.06 26.87
CA MET A 81 21.44 10.21 27.19
C MET A 81 21.81 10.95 25.90
N VAL A 82 22.06 12.26 25.99
CA VAL A 82 22.52 13.04 24.79
C VAL A 82 23.80 13.77 25.18
N ASP A 83 24.53 14.28 24.19
CA ASP A 83 25.73 15.06 24.47
C ASP A 83 25.37 16.34 25.24
N ALA A 84 26.13 16.59 26.31
CA ALA A 84 25.79 17.71 27.20
C ALA A 84 25.95 19.05 26.49
N ALA A 85 27.01 19.20 25.70
CA ALA A 85 27.26 20.46 25.02
C ALA A 85 26.15 20.78 24.02
N ILE A 86 25.63 19.76 23.33
CA ILE A 86 24.56 20.00 22.37
C ILE A 86 23.33 20.56 23.06
N LEU A 87 22.93 19.96 24.18
CA LEU A 87 21.77 20.45 24.91
C LEU A 87 22.01 21.84 25.46
N LYS A 88 23.22 22.09 25.98
CA LYS A 88 23.53 23.41 26.51
C LYS A 88 23.44 24.47 25.42
N LEU A 89 23.95 24.15 24.22
CA LEU A 89 23.89 25.11 23.12
C LEU A 89 22.47 25.26 22.61
N PHE A 90 21.67 24.18 22.68
CA PHE A 90 20.26 24.28 22.36
C PHE A 90 19.58 25.30 23.26
N LEU A 91 19.83 25.23 24.57
CA LEU A 91 19.25 26.20 25.49
C LEU A 91 19.80 27.59 25.26
N GLN A 92 21.11 27.69 24.97
CA GLN A 92 21.74 29.00 24.78
C GLN A 92 21.19 29.72 23.55
N LEU A 93 20.96 28.99 22.47
CA LEU A 93 20.47 29.61 21.25
C LEU A 93 18.98 29.89 21.30
N LYS A 94 18.26 29.33 22.27
CA LYS A 94 16.82 29.52 22.39
C LYS A 94 16.10 29.13 21.10
N ILE A 95 16.48 27.97 20.57
CA ILE A 95 15.86 27.49 19.33
C ILE A 95 14.37 27.26 19.53
N LYS A 96 13.96 26.88 20.73
CA LYS A 96 12.53 26.63 20.98
C LYS A 96 11.70 27.87 20.71
N GLU A 97 12.01 28.98 21.40
CA GLU A 97 11.24 30.20 21.22
C GLU A 97 11.40 30.74 19.81
N GLY A 98 12.63 30.75 19.29
CA GLY A 98 12.87 31.28 17.97
C GLY A 98 12.40 30.39 16.83
N LEU A 99 11.87 29.21 17.15
CA LEU A 99 11.50 28.23 16.13
C LEU A 99 10.01 27.90 16.14
N GLU A 100 9.47 27.53 17.30
CA GLU A 100 8.08 27.10 17.36
C GLU A 100 7.14 28.21 16.93
N LEU A 101 7.57 29.46 17.11
CA LEU A 101 6.75 30.62 16.73
C LEU A 101 6.96 31.02 15.28
N GLU A 102 8.15 30.76 14.71
CA GLU A 102 8.40 31.16 13.34
C GLU A 102 8.00 30.09 12.34
N LEU A 103 7.82 28.85 12.78
CA LEU A 103 7.39 27.79 11.89
C LEU A 103 5.88 27.62 11.85
N LEU A 104 5.11 28.47 12.55
CA LEU A 104 3.67 28.30 12.55
C LEU A 104 3.11 28.62 11.17
N GLY A 105 2.30 27.70 10.64
CA GLY A 105 1.76 27.82 9.31
C GLY A 105 2.48 27.02 8.24
N LYS A 106 3.70 26.59 8.48
CA LYS A 106 4.44 25.80 7.51
C LYS A 106 3.98 24.35 7.54
N LYS A 107 4.13 23.67 6.40
CA LYS A 107 3.65 22.30 6.26
C LYS A 107 4.74 21.27 6.00
N LEU A 108 5.85 21.67 5.37
CA LEU A 108 7.00 20.80 5.18
C LEU A 108 8.23 21.53 5.71
N VAL A 109 8.91 20.94 6.68
CA VAL A 109 10.07 21.55 7.32
C VAL A 109 11.24 20.59 7.26
N VAL A 110 12.36 21.05 6.72
CA VAL A 110 13.60 20.30 6.68
C VAL A 110 14.62 21.02 7.56
N ILE A 111 15.26 20.28 8.46
CA ILE A 111 16.22 20.84 9.39
C ILE A 111 17.59 20.29 9.06
N THR A 112 18.57 21.18 8.90
CA THR A 112 19.86 20.78 8.38
C THR A 112 20.97 21.60 9.02
N GLY A 113 22.19 21.04 9.02
CA GLY A 113 23.34 21.75 9.60
C GLY A 113 24.64 21.08 9.19
N HIS A 114 25.76 21.80 9.34
CA HIS A 114 27.09 21.20 9.03
C HIS A 114 27.84 21.04 10.36
N SER A 115 28.64 19.97 10.50
CA SER A 115 29.44 19.74 11.73
C SER A 115 28.56 19.84 12.99
N THR A 116 28.92 20.73 13.92
CA THR A 116 28.15 20.89 15.19
C THR A 116 26.71 21.27 14.86
N GLY A 117 26.51 22.17 13.89
CA GLY A 117 25.14 22.55 13.48
C GLY A 117 24.31 21.34 13.11
N GLY A 118 24.93 20.32 12.51
CA GLY A 118 24.20 19.06 12.19
C GLY A 118 23.71 18.37 13.44
N ALA A 119 24.59 18.19 14.43
CA ALA A 119 24.19 17.54 15.70
C ALA A 119 23.08 18.37 16.37
N LEU A 120 23.14 19.69 16.27
CA LEU A 120 22.05 20.52 16.81
C LEU A 120 20.76 20.31 16.04
N ALA A 121 20.84 20.22 14.71
CA ALA A 121 19.65 20.05 13.89
C ALA A 121 19.00 18.71 14.14
N ALA A 122 19.81 17.66 14.31
CA ALA A 122 19.26 16.37 14.69
C ALA A 122 18.57 16.45 16.05
N PHE A 123 19.19 17.15 17.01
CA PHE A 123 18.58 17.30 18.33
C PHE A 123 17.23 18.02 18.24
N THR A 124 17.18 19.10 17.46
CA THR A 124 15.94 19.87 17.34
C THR A 124 14.86 19.09 16.60
N ALA A 125 15.24 18.34 15.56
CA ALA A 125 14.26 17.49 14.88
C ALA A 125 13.72 16.42 15.82
N LEU A 126 14.60 15.84 16.65
CA LEU A 126 14.15 14.88 17.64
C LEU A 126 13.19 15.53 18.64
N TRP A 127 13.45 16.78 19.03
CA TRP A 127 12.55 17.47 19.92
C TRP A 127 11.19 17.73 19.27
N LEU A 128 11.20 18.16 18.01
CA LEU A 128 9.95 18.42 17.31
C LEU A 128 9.13 17.14 17.14
N LEU A 129 9.79 16.03 16.82
CA LEU A 129 9.13 14.77 16.58
C LEU A 129 8.83 14.00 17.86
N SER A 130 9.39 14.41 18.99
CA SER A 130 9.26 13.67 20.24
C SER A 130 8.25 14.28 21.21
N GLN A 131 7.53 15.32 20.80
CA GLN A 131 6.55 15.93 21.68
C GLN A 131 5.37 14.98 21.89
N SER A 132 4.53 15.33 22.86
CA SER A 132 3.41 14.46 23.21
C SER A 132 2.47 14.26 22.04
N SER A 133 2.36 15.24 21.17
CA SER A 133 1.54 15.16 19.97
C SER A 133 2.37 15.44 18.72
N PRO A 134 2.09 14.77 17.61
CA PRO A 134 2.85 15.04 16.38
C PRO A 134 2.66 16.48 15.94
N PRO A 135 3.69 17.08 15.35
CA PRO A 135 3.63 18.51 15.03
C PRO A 135 2.68 18.80 13.88
N SER A 136 2.43 20.09 13.67
CA SER A 136 1.53 20.54 12.62
C SER A 136 2.11 20.34 11.21
N PHE A 137 3.40 20.03 11.12
CA PHE A 137 4.07 19.84 9.84
C PHE A 137 4.88 18.56 9.92
N ARG A 138 5.35 18.08 8.78
CA ARG A 138 6.25 16.94 8.79
C ARG A 138 7.69 17.42 8.81
N VAL A 139 8.51 16.74 9.60
CA VAL A 139 9.89 17.14 9.84
C VAL A 139 10.82 16.09 9.28
N PHE A 140 11.82 16.54 8.52
CA PHE A 140 12.88 15.68 8.02
C PHE A 140 14.20 16.35 8.33
N CYS A 141 15.19 15.55 8.74
CA CYS A 141 16.49 16.09 9.13
C CYS A 141 17.57 15.55 8.20
N ILE A 142 18.46 16.45 7.77
CA ILE A 142 19.63 16.08 6.98
C ILE A 142 20.83 16.75 7.63
N THR A 143 21.80 15.94 8.04
CA THR A 143 23.01 16.46 8.64
C THR A 143 24.20 16.14 7.74
N PHE A 144 25.24 16.98 7.81
CA PHE A 144 26.43 16.81 6.99
C PHE A 144 27.63 16.73 7.91
N GLY A 145 28.19 15.53 8.04
CA GLY A 145 29.37 15.34 8.86
C GLY A 145 29.19 15.66 10.32
N SER A 146 28.02 15.39 10.86
CA SER A 146 27.78 15.72 12.27
C SER A 146 28.42 14.66 13.16
N PRO A 147 28.98 15.06 14.30
CA PRO A 147 29.41 14.07 15.29
C PRO A 147 28.21 13.37 15.93
N LEU A 148 28.44 12.16 16.40
CA LEU A 148 27.36 11.36 16.98
C LEU A 148 26.79 12.06 18.21
N LEU A 149 25.47 11.92 18.39
CA LEU A 149 24.76 12.71 19.39
C LEU A 149 24.61 11.99 20.72
N GLY A 150 24.12 10.76 20.73
CA GLY A 150 23.78 10.11 21.98
C GLY A 150 24.36 8.72 22.17
N ASN A 151 23.82 7.98 23.14
CA ASN A 151 24.29 6.64 23.46
C ASN A 151 23.37 5.60 22.85
N GLN A 152 23.74 4.33 23.03
CA GLN A 152 23.03 3.24 22.35
C GLN A 152 21.57 3.16 22.78
N SER A 153 21.28 3.46 24.04
CA SER A 153 19.90 3.41 24.50
C SER A 153 19.05 4.44 23.75
N LEU A 154 19.59 5.62 23.50
CA LEU A 154 18.86 6.62 22.74
C LEU A 154 18.61 6.15 21.31
N SER A 155 19.60 5.52 20.68
CA SER A 155 19.42 5.01 19.33
C SER A 155 18.34 3.94 19.29
N THR A 156 18.34 3.03 20.26
CA THR A 156 17.31 1.99 20.31
C THR A 156 15.94 2.60 20.56
N SER A 157 15.87 3.62 21.41
CA SER A 157 14.58 4.26 21.67
C SER A 157 14.06 4.99 20.44
N ILE A 158 14.95 5.59 19.65
CA ILE A 158 14.52 6.23 18.41
C ILE A 158 14.02 5.18 17.42
N SER A 159 14.79 4.10 17.24
CA SER A 159 14.41 3.08 16.27
C SER A 159 13.11 2.38 16.65
N ARG A 160 12.89 2.15 17.94
CA ARG A 160 11.67 1.48 18.39
C ARG A 160 10.45 2.37 18.16
N SER A 161 10.64 3.68 18.14
CA SER A 161 9.52 4.61 17.98
C SER A 161 9.19 4.90 16.52
N ARG A 162 9.90 4.30 15.57
CA ARG A 162 9.77 4.63 14.15
C ARG A 162 9.96 6.13 13.92
N LEU A 163 11.14 6.60 14.33
CA LEU A 163 11.61 7.93 13.99
C LEU A 163 12.94 7.91 13.26
N ALA A 164 13.52 6.75 13.00
CA ALA A 164 14.87 6.70 12.44
C ALA A 164 14.89 7.10 10.97
N HIS A 165 13.74 7.04 10.30
CA HIS A 165 13.71 7.36 8.88
C HIS A 165 13.47 8.84 8.64
N ASN A 166 13.34 9.61 9.72
CA ASN A 166 13.23 11.06 9.60
C ASN A 166 14.60 11.72 9.65
N PHE A 167 15.65 10.91 9.72
CA PHE A 167 17.01 11.41 9.83
C PHE A 167 17.87 10.83 8.73
N CYS A 168 18.62 11.68 8.04
CA CYS A 168 19.62 11.25 7.07
C CYS A 168 20.91 11.99 7.39
N HIS A 169 21.99 11.24 7.54
CA HIS A 169 23.28 11.79 7.92
C HIS A 169 24.26 11.51 6.80
N VAL A 170 24.51 12.49 5.95
CA VAL A 170 25.53 12.36 4.93
C VAL A 170 26.90 12.37 5.58
N VAL A 171 27.71 11.37 5.28
CA VAL A 171 29.04 11.22 5.87
C VAL A 171 30.01 10.89 4.76
N SER A 172 31.06 11.68 4.63
CA SER A 172 32.14 11.33 3.71
C SER A 172 32.98 10.21 4.29
N ILE A 173 33.52 9.37 3.41
CA ILE A 173 34.36 8.27 3.86
C ILE A 173 35.68 8.75 4.43
N HIS A 174 36.00 10.03 4.31
CA HIS A 174 37.22 10.59 4.88
C HIS A 174 36.96 11.57 6.02
N ASP A 175 35.71 11.93 6.27
CA ASP A 175 35.37 12.85 7.36
C ASP A 175 35.57 12.14 8.69
N LEU A 176 36.59 12.55 9.43
CA LEU A 176 36.97 11.85 10.66
C LEU A 176 36.08 12.17 11.84
N VAL A 177 35.27 13.22 11.77
CA VAL A 177 34.46 13.67 12.91
C VAL A 177 33.46 12.61 13.35
N PRO A 178 32.63 12.04 12.46
CA PRO A 178 31.66 11.04 12.94
C PRO A 178 32.27 9.71 13.31
N ARG A 179 33.48 9.41 12.85
CA ARG A 179 34.13 8.13 13.10
C ARG A 179 34.94 8.11 14.38
N SER A 180 35.07 9.24 15.07
CA SER A 180 36.07 9.37 16.12
C SER A 180 35.50 9.69 17.49
N SER A 181 34.19 9.73 17.65
CA SER A 181 33.61 9.98 18.96
C SER A 181 33.83 8.78 19.88
N ASN A 182 33.58 9.00 21.17
CA ASN A 182 33.79 7.96 22.17
C ASN A 182 32.90 6.75 21.88
N GLU A 183 33.42 5.57 22.23
CA GLU A 183 32.74 4.33 21.88
C GLU A 183 31.38 4.20 22.56
N GLN A 184 31.12 4.97 23.61
CA GLN A 184 29.79 4.98 24.21
C GLN A 184 28.75 5.63 23.33
N PHE A 185 29.16 6.31 22.26
CA PHE A 185 28.22 6.99 21.37
C PHE A 185 27.78 6.04 20.26
N TRP A 186 26.49 6.05 19.95
CA TRP A 186 25.95 5.20 18.92
C TRP A 186 25.21 6.03 17.88
N PRO A 187 25.24 5.61 16.62
CA PRO A 187 24.52 6.35 15.58
C PRO A 187 23.04 5.98 15.56
N PHE A 188 22.27 6.79 14.85
CA PHE A 188 20.88 6.47 14.58
C PHE A 188 20.47 7.14 13.27
N GLY A 189 19.42 6.61 12.66
CA GLY A 189 18.93 7.13 11.41
C GLY A 189 19.76 6.68 10.24
N THR A 190 19.22 6.82 9.04
CA THR A 190 19.93 6.38 7.84
C THR A 190 21.20 7.19 7.64
N TYR A 191 22.31 6.50 7.43
CA TYR A 191 23.58 7.14 7.14
C TYR A 191 23.88 7.00 5.66
N LEU A 192 24.34 8.09 5.05
CA LEU A 192 24.73 8.10 3.65
C LEU A 192 26.25 8.26 3.61
N PHE A 193 26.95 7.16 3.33
CA PHE A 193 28.39 7.21 3.14
C PHE A 193 28.68 7.49 1.67
N CYS A 194 29.38 8.58 1.40
CA CYS A 194 29.60 9.01 0.03
C CYS A 194 31.09 9.18 -0.25
N SER A 195 31.43 9.18 -1.53
CA SER A 195 32.77 9.46 -1.98
C SER A 195 32.67 10.14 -3.35
N ASP A 196 33.78 10.17 -4.07
CA ASP A 196 33.79 10.84 -5.37
C ASP A 196 32.96 10.09 -6.40
N LYS A 197 32.66 8.83 -6.17
CA LYS A 197 32.04 7.98 -7.18
C LYS A 197 30.58 7.67 -6.91
N GLY A 198 30.13 7.74 -5.66
CA GLY A 198 28.73 7.45 -5.37
C GLY A 198 28.48 7.45 -3.88
N GLY A 199 27.25 7.10 -3.53
CA GLY A 199 26.86 7.00 -2.14
C GLY A 199 26.19 5.67 -1.86
N VAL A 200 26.20 5.29 -0.58
CA VAL A 200 25.59 4.05 -0.10
C VAL A 200 24.88 4.34 1.21
N CYS A 201 23.65 3.88 1.35
CA CYS A 201 22.88 4.08 2.57
C CYS A 201 22.97 2.86 3.48
N LEU A 202 22.99 3.11 4.79
CA LEU A 202 22.93 2.07 5.79
C LEU A 202 22.01 2.54 6.91
N ASP A 203 21.01 1.74 7.25
CA ASP A 203 19.98 2.15 8.19
C ASP A 203 19.95 1.29 9.45
N ASN A 204 21.03 0.57 9.74
CA ASN A 204 21.12 -0.28 10.92
C ASN A 204 22.29 0.19 11.76
N ALA A 205 22.03 0.46 13.05
CA ALA A 205 23.05 1.07 13.90
C ALA A 205 24.30 0.20 14.00
N GLY A 206 24.12 -1.11 14.19
CA GLY A 206 25.27 -1.99 14.28
C GLY A 206 26.10 -2.01 13.02
N SER A 207 25.44 -2.06 11.86
CA SER A 207 26.17 -2.09 10.60
C SER A 207 26.86 -0.75 10.32
N VAL A 208 26.23 0.35 10.73
CA VAL A 208 26.88 1.65 10.61
C VAL A 208 28.14 1.69 11.48
N ARG A 209 28.05 1.15 12.70
CA ARG A 209 29.22 1.13 13.58
C ARG A 209 30.33 0.25 13.01
N LEU A 210 29.97 -0.89 12.42
CA LEU A 210 30.97 -1.73 11.77
C LEU A 210 31.61 -1.00 10.59
N MET A 211 30.82 -0.24 9.84
CA MET A 211 31.37 0.56 8.75
C MET A 211 32.33 1.63 9.27
N PHE A 212 31.98 2.25 10.39
CA PHE A 212 32.89 3.23 11.01
C PHE A 212 34.19 2.55 11.39
N ASN A 213 34.12 1.36 11.97
CA ASN A 213 35.33 0.64 12.34
C ASN A 213 36.18 0.32 11.13
N ILE A 214 35.57 -0.17 10.06
CA ILE A 214 36.31 -0.52 8.86
C ILE A 214 36.99 0.72 8.28
N LEU A 215 36.27 1.83 8.21
CA LEU A 215 36.85 3.06 7.68
C LEU A 215 38.00 3.54 8.55
N ASN A 216 37.86 3.42 9.88
CA ASN A 216 38.95 3.82 10.76
C ASN A 216 40.19 2.98 10.53
N THR A 217 40.03 1.66 10.41
CA THR A 217 41.21 0.81 10.29
C THR A 217 41.86 0.89 8.92
N THR A 218 41.09 1.11 7.85
CA THR A 218 41.66 1.03 6.51
C THR A 218 41.93 2.41 5.90
N ALA A 219 40.89 3.23 5.79
CA ALA A 219 40.93 4.40 4.93
C ALA A 219 41.95 5.44 5.42
N THR A 220 42.18 6.44 4.58
CA THR A 220 43.16 7.49 4.86
C THR A 220 42.62 8.48 5.89
N GLN A 221 43.43 9.50 6.18
CA GLN A 221 43.09 10.51 7.17
C GLN A 221 43.35 11.90 6.60
N ASN A 222 42.43 12.83 6.86
CA ASN A 222 42.59 14.23 6.51
C ASN A 222 41.54 15.04 7.23
N THR A 223 41.75 16.36 7.30
CA THR A 223 40.81 17.25 7.96
C THR A 223 40.04 18.13 6.97
N GLU A 224 40.66 18.53 5.86
CA GLU A 224 39.94 19.33 4.86
C GLU A 224 38.82 18.54 4.20
N GLU A 225 38.81 17.22 4.41
CA GLU A 225 37.73 16.38 3.83
C GLU A 225 36.38 16.74 4.48
N HIS A 226 36.41 17.56 5.54
CA HIS A 226 35.15 18.04 6.16
C HIS A 226 34.68 19.30 5.44
N GLN A 227 35.63 20.08 4.91
CA GLN A 227 35.27 21.30 4.14
C GLN A 227 35.08 20.91 2.66
N ARG A 228 35.23 19.63 2.34
CA ARG A 228 35.04 19.15 0.94
C ARG A 228 33.58 18.73 0.74
N TYR A 229 32.73 18.93 1.76
CA TYR A 229 31.31 18.54 1.67
C TYR A 229 30.60 19.33 0.57
N GLY A 230 31.02 20.58 0.35
CA GLY A 230 30.45 21.37 -0.77
C GLY A 230 30.72 20.69 -2.09
N HIS A 231 31.99 20.34 -2.33
CA HIS A 231 32.36 19.63 -3.57
C HIS A 231 31.61 18.29 -3.62
N TYR A 232 31.47 17.58 -2.49
CA TYR A 232 30.84 16.28 -2.51
C TYR A 232 29.38 16.38 -2.95
N VAL A 233 28.64 17.34 -2.41
CA VAL A 233 27.24 17.49 -2.77
C VAL A 233 27.10 17.84 -4.24
N PHE A 234 27.92 18.78 -4.72
CA PHE A 234 27.83 19.19 -6.12
C PHE A 234 28.18 18.02 -7.05
N THR A 235 29.24 17.29 -6.74
CA THR A 235 29.65 16.18 -7.58
C THR A 235 28.61 15.07 -7.58
N LEU A 236 28.03 14.78 -6.42
CA LEU A 236 27.02 13.73 -6.34
C LEU A 236 25.74 14.12 -7.07
N SER A 237 25.37 15.40 -7.04
CA SER A 237 24.11 15.81 -7.63
C SER A 237 24.13 15.90 -9.14
N HIS A 238 25.27 15.68 -9.78
CA HIS A 238 25.39 15.81 -11.22
C HIS A 238 25.87 14.51 -11.88
N MET A 239 25.67 13.37 -11.22
CA MET A 239 26.01 12.11 -11.86
C MET A 239 24.93 11.62 -12.80
N PHE A 240 23.72 12.16 -12.73
CA PHE A 240 22.66 11.73 -13.64
C PHE A 240 23.02 12.04 -15.09
N LEU A 241 23.92 12.99 -15.32
CA LEU A 241 24.36 13.28 -16.67
C LEU A 241 25.32 12.23 -17.20
N LYS A 242 26.01 11.51 -16.31
CA LYS A 242 27.07 10.61 -16.69
C LYS A 242 26.64 9.15 -16.54
N SER A 243 26.93 8.35 -17.55
CA SER A 243 26.73 6.90 -17.44
C SER A 243 27.87 6.32 -16.61
N ARG A 244 27.52 5.52 -15.62
CA ARG A 244 28.49 5.02 -14.64
C ARG A 244 28.51 3.50 -14.71
N SER A 245 29.42 2.97 -15.52
CA SER A 245 29.58 1.53 -15.60
C SER A 245 30.43 1.02 -14.45
N PHE A 246 30.43 -0.31 -14.29
CA PHE A 246 31.29 -0.98 -13.32
C PHE A 246 32.71 -0.99 -13.86
N LEU A 247 33.52 -0.02 -13.46
CA LEU A 247 34.86 0.18 -14.01
C LEU A 247 35.85 -0.71 -13.28
N GLY A 248 36.45 -1.64 -14.00
CA GLY A 248 37.44 -2.53 -13.43
C GLY A 248 36.84 -3.85 -12.99
N GLY A 249 37.16 -4.92 -13.72
CA GLY A 249 36.60 -6.23 -13.45
C GLY A 249 35.28 -6.45 -14.17
N SER A 250 34.78 -7.67 -14.06
CA SER A 250 33.50 -8.04 -14.64
C SER A 250 32.53 -8.40 -13.53
N ILE A 251 31.32 -7.83 -13.60
CA ILE A 251 30.31 -8.04 -12.57
C ILE A 251 29.96 -9.52 -12.47
N PRO A 252 29.66 -10.02 -11.28
CA PRO A 252 29.18 -11.40 -11.16
C PRO A 252 27.85 -11.56 -11.89
N ASP A 253 27.64 -12.77 -12.44
CA ASP A 253 26.41 -13.04 -13.17
C ASP A 253 25.18 -12.90 -12.27
N ASN A 254 25.33 -13.20 -10.99
CA ASN A 254 24.22 -13.08 -10.06
C ASN A 254 23.79 -11.62 -9.93
N SER A 255 22.50 -11.41 -9.71
CA SER A 255 22.01 -10.05 -9.56
C SER A 255 22.42 -9.44 -8.23
N TYR A 256 22.28 -10.21 -7.14
CA TYR A 256 22.62 -9.68 -5.83
C TYR A 256 24.12 -9.40 -5.71
N GLN A 257 24.96 -10.30 -6.22
CA GLN A 257 26.39 -10.08 -6.13
C GLN A 257 26.83 -8.90 -6.99
N ALA A 258 26.24 -8.76 -8.17
CA ALA A 258 26.53 -7.59 -8.99
C ALA A 258 26.13 -6.31 -8.29
N GLY A 259 24.97 -6.31 -7.63
CA GLY A 259 24.56 -5.14 -6.87
C GLY A 259 25.53 -4.81 -5.75
N VAL A 260 25.99 -5.82 -5.03
CA VAL A 260 26.94 -5.59 -3.94
C VAL A 260 28.26 -5.06 -4.48
N ALA A 261 28.73 -5.61 -5.60
CA ALA A 261 29.97 -5.12 -6.20
C ALA A 261 29.82 -3.67 -6.63
N LEU A 262 28.67 -3.31 -7.20
CA LEU A 262 28.46 -1.92 -7.59
C LEU A 262 28.44 -0.99 -6.39
N ALA A 263 27.80 -1.42 -5.28
CA ALA A 263 27.83 -0.61 -4.08
C ALA A 263 29.24 -0.43 -3.54
N VAL A 264 30.03 -1.51 -3.54
CA VAL A 264 31.40 -1.43 -3.05
C VAL A 264 32.22 -0.48 -3.90
N GLU A 265 32.06 -0.53 -5.22
CA GLU A 265 32.78 0.42 -6.06
C GLU A 265 32.26 1.84 -5.92
N ALA A 266 30.97 2.01 -5.61
CA ALA A 266 30.47 3.35 -5.33
C ALA A 266 31.15 3.94 -4.10
N LEU A 267 31.39 3.12 -3.09
CA LEU A 267 32.13 3.63 -1.93
C LEU A 267 33.59 3.88 -2.24
N GLY A 268 34.09 3.47 -3.40
CA GLY A 268 35.43 3.81 -3.83
C GLY A 268 36.46 2.70 -3.69
N PHE A 269 36.17 1.65 -2.94
CA PHE A 269 37.11 0.56 -2.75
C PHE A 269 36.97 -0.47 -3.87
N SER A 270 38.10 -1.04 -4.27
CA SER A 270 38.08 -2.13 -5.23
C SER A 270 37.58 -3.41 -4.57
N ASN A 271 37.07 -4.32 -5.39
CA ASN A 271 36.58 -5.60 -4.90
C ASN A 271 37.69 -6.59 -4.63
N ASP A 272 38.95 -6.18 -4.75
CA ASP A 272 40.09 -7.06 -4.51
C ASP A 272 40.94 -6.63 -3.32
N ASP A 273 40.67 -5.47 -2.72
CA ASP A 273 41.41 -5.02 -1.56
C ASP A 273 40.73 -5.47 -0.28
N THR A 274 41.51 -5.58 0.79
CA THR A 274 40.97 -6.00 2.08
C THR A 274 39.86 -5.06 2.53
N SER A 275 40.03 -3.76 2.27
CA SER A 275 38.95 -2.81 2.54
C SER A 275 37.71 -3.16 1.75
N GLY A 276 37.88 -3.52 0.48
CA GLY A 276 36.73 -3.89 -0.33
C GLY A 276 36.00 -5.11 0.20
N VAL A 277 36.74 -6.14 0.61
CA VAL A 277 36.11 -7.34 1.12
C VAL A 277 35.39 -7.06 2.45
N LEU A 278 36.01 -6.26 3.32
CA LEU A 278 35.37 -5.92 4.57
C LEU A 278 34.08 -5.12 4.33
N VAL A 279 34.12 -4.17 3.41
CA VAL A 279 32.94 -3.37 3.12
C VAL A 279 31.85 -4.23 2.50
N LYS A 280 32.23 -5.14 1.59
CA LYS A 280 31.25 -6.01 0.95
C LYS A 280 30.57 -6.91 1.97
N GLU A 281 31.36 -7.47 2.90
CA GLU A 281 30.77 -8.28 3.96
C GLU A 281 29.84 -7.44 4.84
N CYS A 282 30.24 -6.20 5.14
CA CYS A 282 29.39 -5.33 5.94
C CYS A 282 28.06 -5.07 5.25
N ILE A 283 28.10 -4.81 3.94
CA ILE A 283 26.87 -4.52 3.18
C ILE A 283 25.96 -5.75 3.16
N GLU A 284 26.54 -6.92 2.88
CA GLU A 284 25.74 -8.14 2.85
C GLU A 284 25.11 -8.42 4.20
N THR A 285 25.89 -8.25 5.28
CA THR A 285 25.35 -8.48 6.62
C THR A 285 24.23 -7.51 6.91
N ALA A 286 24.39 -6.24 6.52
CA ALA A 286 23.34 -5.26 6.77
C ALA A 286 22.05 -5.62 6.05
N THR A 287 22.15 -6.03 4.78
CA THR A 287 20.95 -6.40 4.05
C THR A 287 20.28 -7.63 4.67
N ARG A 288 21.08 -8.60 5.10
CA ARG A 288 20.53 -9.79 5.75
C ARG A 288 19.81 -9.44 7.05
N ILE A 289 20.42 -8.56 7.86
CA ILE A 289 19.83 -8.17 9.13
C ILE A 289 18.55 -7.37 8.91
N VAL A 290 18.49 -6.56 7.85
CA VAL A 290 17.26 -5.89 7.51
C VAL A 290 16.21 -6.90 7.06
N ARG A 291 16.60 -7.89 6.26
CA ARG A 291 15.65 -8.79 5.65
C ARG A 291 14.99 -9.70 6.67
N ALA A 292 15.76 -10.20 7.64
CA ALA A 292 15.27 -11.27 8.53
C ALA A 292 13.96 -10.96 9.25
N PRO A 293 13.76 -9.78 9.86
CA PRO A 293 12.48 -9.55 10.57
C PRO A 293 11.26 -9.62 9.66
N ILE A 294 11.38 -9.16 8.41
CA ILE A 294 10.23 -9.21 7.50
C ILE A 294 9.86 -10.66 7.18
N LEU A 295 10.88 -11.49 6.93
CA LEU A 295 10.62 -12.91 6.69
C LEU A 295 9.97 -13.57 7.90
N ARG A 296 10.47 -13.26 9.11
CA ARG A 296 9.90 -13.87 10.29
C ARG A 296 8.46 -13.42 10.51
N SER A 297 8.17 -12.14 10.25
CA SER A 297 6.79 -11.67 10.39
C SER A 297 5.87 -12.34 9.37
N ALA A 298 6.35 -12.54 8.14
CA ALA A 298 5.54 -13.26 7.16
C ALA A 298 5.27 -14.69 7.60
N GLU A 299 6.29 -15.37 8.13
CA GLU A 299 6.10 -16.74 8.59
C GLU A 299 5.12 -16.79 9.76
N LEU A 300 5.21 -15.83 10.67
CA LEU A 300 4.28 -15.81 11.79
C LEU A 300 2.86 -15.50 11.33
N ALA A 301 2.70 -14.66 10.32
CA ALA A 301 1.37 -14.43 9.76
C ALA A 301 0.79 -15.71 9.17
N ASN A 302 1.61 -16.46 8.43
CA ASN A 302 1.16 -17.75 7.91
C ASN A 302 0.75 -18.69 9.04
N GLU A 303 1.57 -18.77 10.09
CA GLU A 303 1.25 -19.64 11.21
C GLU A 303 -0.03 -19.22 11.90
N LEU A 304 -0.25 -17.91 12.05
CA LEU A 304 -1.49 -17.42 12.63
C LEU A 304 -2.68 -17.82 11.78
N ALA A 305 -2.55 -17.72 10.45
CA ALA A 305 -3.63 -18.15 9.57
C ALA A 305 -3.92 -19.63 9.76
N SER A 306 -2.87 -20.44 9.87
CA SER A 306 -3.06 -21.88 10.05
C SER A 306 -3.73 -22.24 11.37
N VAL A 307 -3.74 -21.34 12.35
CA VAL A 307 -4.23 -21.65 13.69
C VAL A 307 -5.67 -21.19 13.89
N LEU A 308 -6.21 -20.38 12.99
CA LEU A 308 -7.55 -19.82 13.17
C LEU A 308 -8.65 -20.85 13.47
N PRO A 309 -8.65 -22.06 12.90
CA PRO A 309 -9.68 -23.03 13.29
C PRO A 309 -9.71 -23.33 14.78
N ALA A 310 -8.59 -23.24 15.49
CA ALA A 310 -8.61 -23.46 16.94
C ALA A 310 -9.42 -22.38 17.65
N ARG A 311 -9.23 -21.12 17.26
CA ARG A 311 -10.04 -20.05 17.85
C ARG A 311 -11.50 -20.21 17.48
N LEU A 312 -11.77 -20.68 16.27
CA LEU A 312 -13.15 -20.97 15.88
C LEU A 312 -13.74 -22.08 16.74
N GLU A 313 -12.94 -23.11 17.05
CA GLU A 313 -13.37 -24.17 17.95
C GLU A 313 -13.71 -23.62 19.33
N ILE A 314 -12.89 -22.73 19.87
CA ILE A 314 -13.19 -22.19 21.19
C ILE A 314 -14.47 -21.35 21.14
N GLN A 315 -14.67 -20.59 20.05
CA GLN A 315 -15.90 -19.82 19.91
C GLN A 315 -17.11 -20.76 19.85
N TRP A 316 -17.01 -21.85 19.11
CA TRP A 316 -18.10 -22.82 19.05
C TRP A 316 -18.35 -23.45 20.40
N TYR A 317 -17.28 -23.74 21.15
CA TYR A 317 -17.43 -24.33 22.47
C TYR A 317 -18.18 -23.39 23.40
N LYS A 318 -17.84 -22.11 23.35
CA LYS A 318 -18.58 -21.12 24.14
C LYS A 318 -20.04 -21.10 23.72
N ASP A 319 -20.30 -21.14 22.41
CA ASP A 319 -21.68 -21.08 21.93
C ASP A 319 -22.49 -22.29 22.41
N ARG A 320 -21.91 -23.48 22.31
CA ARG A 320 -22.64 -24.67 22.74
C ARG A 320 -22.80 -24.71 24.25
N CYS A 321 -21.82 -24.17 24.99
CA CYS A 321 -21.90 -24.18 26.44
C CYS A 321 -22.99 -23.24 26.94
N ASP A 322 -23.00 -22.00 26.45
CA ASP A 322 -24.05 -21.09 26.90
C ASP A 322 -25.38 -21.33 26.20
N ALA A 323 -25.39 -22.19 25.19
CA ALA A 323 -26.64 -22.65 24.58
C ALA A 323 -27.14 -23.96 25.18
N SER A 324 -26.42 -24.53 26.15
CA SER A 324 -26.85 -25.77 26.75
C SER A 324 -27.82 -25.51 27.90
N GLU A 325 -28.49 -26.57 28.35
CA GLU A 325 -29.55 -26.44 29.33
C GLU A 325 -29.07 -26.40 30.77
N GLU A 326 -27.82 -26.77 31.03
CA GLU A 326 -27.30 -26.71 32.39
C GLU A 326 -26.98 -25.28 32.82
N GLN A 327 -26.60 -24.44 31.87
CA GLN A 327 -26.29 -23.03 32.12
C GLN A 327 -25.18 -22.89 33.15
N LEU A 328 -23.99 -23.36 32.78
CA LEU A 328 -22.80 -23.21 33.60
C LEU A 328 -21.83 -22.16 33.08
N GLY A 329 -21.82 -21.91 31.79
CA GLY A 329 -20.74 -21.13 31.19
C GLY A 329 -19.56 -22.01 30.82
N TYR A 330 -18.82 -21.57 29.79
CA TYR A 330 -17.79 -22.46 29.29
C TYR A 330 -16.62 -22.57 30.26
N TYR A 331 -16.46 -21.57 31.14
CA TYR A 331 -15.47 -21.67 32.20
C TYR A 331 -15.72 -22.89 33.07
N ASP A 332 -16.93 -23.00 33.60
CA ASP A 332 -17.25 -24.12 34.47
C ASP A 332 -17.37 -25.42 33.67
N PHE A 333 -17.93 -25.35 32.47
CA PHE A 333 -18.00 -26.54 31.63
C PHE A 333 -16.61 -27.08 31.34
N PHE A 334 -15.59 -26.21 31.33
CA PHE A 334 -14.23 -26.64 31.04
C PHE A 334 -13.48 -27.04 32.30
N LYS A 335 -13.79 -26.43 33.44
CA LYS A 335 -13.06 -26.70 34.66
C LYS A 335 -13.65 -27.87 35.46
N ARG A 336 -14.96 -27.89 35.62
CA ARG A 336 -15.62 -28.98 36.35
C ARG A 336 -15.35 -30.32 35.69
N TYR A 337 -15.77 -30.47 34.44
CA TYR A 337 -15.98 -31.75 33.84
C TYR A 337 -14.87 -32.05 32.83
N SER A 338 -15.02 -33.17 32.12
CA SER A 338 -14.09 -33.54 31.04
C SER A 338 -14.87 -34.40 30.04
N LEU A 339 -15.39 -33.75 29.00
CA LEU A 339 -16.19 -34.39 27.97
C LEU A 339 -15.41 -34.41 26.66
N LYS A 340 -16.02 -35.03 25.64
CA LYS A 340 -15.40 -35.04 24.32
C LYS A 340 -15.22 -33.62 23.80
N ARG A 341 -16.24 -32.79 23.96
CA ARG A 341 -16.11 -31.38 23.61
C ARG A 341 -15.03 -30.71 24.43
N ASP A 342 -14.95 -31.05 25.72
CA ASP A 342 -13.89 -30.51 26.55
C ASP A 342 -12.51 -30.99 26.09
N PHE A 343 -12.41 -32.24 25.64
CA PHE A 343 -11.14 -32.73 25.14
C PHE A 343 -10.71 -31.97 23.89
N LYS A 344 -11.64 -31.74 22.97
CA LYS A 344 -11.29 -31.05 21.74
C LYS A 344 -10.97 -29.58 21.99
N VAL A 345 -11.74 -28.92 22.86
CA VAL A 345 -11.42 -27.53 23.17
C VAL A 345 -10.10 -27.46 23.93
N ASN A 346 -9.75 -28.50 24.69
CA ASN A 346 -8.43 -28.56 25.31
C ASN A 346 -7.34 -28.64 24.26
N MET A 347 -7.54 -29.47 23.22
CA MET A 347 -6.54 -29.56 22.16
C MET A 347 -6.35 -28.21 21.48
N SER A 348 -7.46 -27.53 21.17
CA SER A 348 -7.38 -26.23 20.52
C SER A 348 -6.72 -25.20 21.43
N ARG A 349 -7.05 -25.22 22.72
CA ARG A 349 -6.44 -24.28 23.66
C ARG A 349 -4.94 -24.51 23.77
N ILE A 350 -4.52 -25.77 23.79
CA ILE A 350 -3.09 -26.08 23.84
C ILE A 350 -2.39 -25.53 22.60
N ARG A 351 -2.99 -25.75 21.43
CA ARG A 351 -2.38 -25.23 20.21
C ARG A 351 -2.27 -23.71 20.24
N LEU A 352 -3.34 -23.04 20.69
CA LEU A 352 -3.32 -21.58 20.74
C LEU A 352 -2.26 -21.07 21.71
N ALA A 353 -2.19 -21.68 22.89
CA ALA A 353 -1.21 -21.27 23.88
C ALA A 353 0.20 -21.46 23.36
N LYS A 354 0.47 -22.58 22.70
CA LYS A 354 1.79 -22.81 22.14
C LYS A 354 2.15 -21.76 21.09
N PHE A 355 1.23 -21.50 20.16
CA PHE A 355 1.53 -20.55 19.09
C PHE A 355 1.77 -19.16 19.65
N TRP A 356 0.93 -18.72 20.59
CA TRP A 356 1.10 -17.36 21.11
C TRP A 356 2.31 -17.25 22.02
N ASP A 357 2.69 -18.35 22.69
CA ASP A 357 3.96 -18.36 23.42
C ASP A 357 5.11 -18.12 22.45
N THR A 358 5.10 -18.80 21.31
CA THR A 358 6.15 -18.60 20.32
C THR A 358 6.16 -17.16 19.83
N VAL A 359 4.98 -16.60 19.56
CA VAL A 359 4.91 -15.22 19.05
C VAL A 359 5.46 -14.24 20.07
N ILE A 360 5.06 -14.38 21.34
CA ILE A 360 5.52 -13.45 22.36
C ILE A 360 7.03 -13.58 22.56
N LYS A 361 7.53 -14.81 22.62
CA LYS A 361 8.96 -15.00 22.81
C LYS A 361 9.77 -14.45 21.65
N MET A 362 9.28 -14.57 20.42
CA MET A 362 9.98 -13.95 19.28
C MET A 362 9.91 -12.43 19.36
N VAL A 363 8.80 -11.87 19.82
CA VAL A 363 8.70 -10.42 19.95
C VAL A 363 9.71 -9.90 20.96
N GLU A 364 9.77 -10.53 22.13
CA GLU A 364 10.65 -10.06 23.19
C GLU A 364 12.11 -10.18 22.79
N THR A 365 12.48 -11.29 22.14
CA THR A 365 13.85 -11.52 21.73
C THR A 365 14.30 -10.54 20.65
N ASN A 366 13.37 -9.78 20.08
CA ASN A 366 13.65 -8.80 19.02
C ASN A 366 14.08 -9.49 17.73
N GLU A 367 13.36 -10.55 17.36
CA GLU A 367 13.48 -11.18 16.06
C GLU A 367 12.45 -10.67 15.06
N LEU A 368 11.58 -9.75 15.47
CA LEU A 368 10.50 -9.22 14.66
C LEU A 368 10.57 -7.70 14.62
N PRO A 369 9.97 -7.06 13.60
CA PRO A 369 10.05 -5.61 13.47
C PRO A 369 9.49 -4.90 14.70
N PHE A 370 10.03 -3.70 14.96
CA PHE A 370 9.57 -2.92 16.10
C PHE A 370 8.14 -2.44 15.91
N ASP A 371 7.69 -2.27 14.67
CA ASP A 371 6.33 -1.89 14.35
C ASP A 371 5.39 -3.09 14.28
N PHE A 372 5.78 -4.20 14.91
CA PHE A 372 4.98 -5.42 14.84
C PHE A 372 3.70 -5.29 15.66
N HIS A 373 3.83 -5.10 16.97
CA HIS A 373 2.65 -5.05 17.82
C HIS A 373 1.81 -3.81 17.56
N LEU A 374 2.43 -2.72 17.08
CA LEU A 374 1.67 -1.54 16.72
C LEU A 374 0.70 -1.82 15.58
N GLY A 375 1.02 -2.78 14.72
CA GLY A 375 0.11 -3.19 13.65
C GLY A 375 -1.23 -3.62 14.21
N LYS A 376 -2.32 -3.12 13.62
CA LYS A 376 -3.62 -3.32 14.24
C LYS A 376 -4.14 -4.73 14.00
N LYS A 377 -3.60 -5.42 13.01
CA LYS A 377 -3.96 -6.81 12.76
C LYS A 377 -3.60 -7.70 13.95
N TRP A 378 -2.35 -7.62 14.40
CA TRP A 378 -1.94 -8.41 15.55
C TRP A 378 -2.57 -7.91 16.82
N ILE A 379 -2.94 -6.62 16.87
CA ILE A 379 -3.72 -6.12 18.00
C ILE A 379 -5.05 -6.87 18.07
N TYR A 380 -5.76 -6.96 16.96
CA TYR A 380 -7.03 -7.71 16.94
C TYR A 380 -6.81 -9.18 17.24
N ALA A 381 -5.80 -9.80 16.64
CA ALA A 381 -5.57 -11.22 16.86
C ALA A 381 -5.33 -11.51 18.33
N SER A 382 -4.41 -10.78 18.95
CA SER A 382 -4.13 -10.96 20.37
C SER A 382 -5.36 -10.67 21.22
N GLN A 383 -6.12 -9.62 20.87
CA GLN A 383 -7.30 -9.26 21.65
C GLN A 383 -8.32 -10.39 21.66
N PHE A 384 -8.68 -10.89 20.47
CA PHE A 384 -9.66 -11.97 20.39
C PHE A 384 -9.15 -13.23 21.06
N TYR A 385 -7.88 -13.59 20.83
CA TYR A 385 -7.33 -14.77 21.45
C TYR A 385 -7.40 -14.67 22.97
N GLN A 386 -6.98 -13.54 23.53
CA GLN A 386 -6.96 -13.39 24.97
C GLN A 386 -8.37 -13.47 25.53
N LEU A 387 -9.31 -12.73 24.93
CA LEU A 387 -10.68 -12.73 25.42
C LEU A 387 -11.28 -14.12 25.42
N LEU A 388 -11.07 -14.88 24.33
CA LEU A 388 -11.69 -16.20 24.27
C LEU A 388 -10.98 -17.22 25.16
N ALA A 389 -9.65 -17.18 25.22
CA ALA A 389 -8.90 -18.30 25.77
C ALA A 389 -8.43 -18.11 27.19
N GLU A 390 -8.23 -16.89 27.66
CA GLU A 390 -7.69 -16.73 29.02
C GLU A 390 -8.56 -17.38 30.09
N PRO A 391 -9.89 -17.26 30.08
CA PRO A 391 -10.67 -18.00 31.08
C PRO A 391 -10.47 -19.50 31.00
N LEU A 392 -10.24 -20.04 29.81
CA LEU A 392 -9.92 -21.46 29.70
C LEU A 392 -8.59 -21.78 30.38
N ASP A 393 -7.60 -20.91 30.22
CA ASP A 393 -6.32 -21.14 30.86
C ASP A 393 -6.44 -21.06 32.38
N ILE A 394 -7.25 -20.12 32.87
CA ILE A 394 -7.50 -20.03 34.31
C ILE A 394 -8.19 -21.30 34.79
N ALA A 395 -9.15 -21.81 34.03
CA ALA A 395 -9.80 -23.06 34.37
C ALA A 395 -8.81 -24.20 34.43
N ASN A 396 -7.90 -24.28 33.45
CA ASN A 396 -6.90 -25.32 33.45
C ASN A 396 -6.01 -25.22 34.68
N PHE A 397 -5.59 -24.00 35.02
CA PHE A 397 -4.70 -23.82 36.16
C PHE A 397 -5.38 -24.27 37.46
N TYR A 398 -6.58 -23.75 37.73
CA TYR A 398 -7.24 -24.18 38.96
C TYR A 398 -7.76 -25.60 38.91
N LYS A 399 -7.82 -26.21 37.72
CA LYS A 399 -8.14 -27.63 37.64
C LYS A 399 -6.94 -28.48 38.04
N ASN A 400 -5.74 -28.07 37.63
CA ASN A 400 -4.52 -28.81 37.93
C ASN A 400 -3.75 -28.21 39.11
N ARG A 401 -4.42 -27.68 40.11
CA ARG A 401 -3.74 -27.05 41.23
C ARG A 401 -3.87 -27.87 42.50
N ASP A 402 -2.94 -27.63 43.42
CA ASP A 402 -3.10 -28.02 44.82
C ASP A 402 -3.84 -26.90 45.54
N ILE A 403 -4.84 -27.28 46.36
CA ILE A 403 -5.81 -26.30 46.85
C ILE A 403 -5.14 -25.22 47.67
N LYS A 404 -4.00 -25.53 48.29
CA LYS A 404 -3.30 -24.57 49.13
C LYS A 404 -1.96 -24.14 48.55
N THR A 405 -1.09 -25.08 48.21
CA THR A 405 0.24 -24.74 47.70
C THR A 405 0.19 -24.18 46.29
N GLY A 406 -0.84 -24.52 45.52
CA GLY A 406 -0.98 -23.97 44.18
C GLY A 406 -1.20 -22.48 44.16
N GLY A 407 -1.59 -21.90 45.28
CA GLY A 407 -1.78 -20.45 45.34
C GLY A 407 -2.91 -20.00 44.43
N HIS A 408 -2.64 -18.95 43.67
CA HIS A 408 -3.62 -18.38 42.77
C HIS A 408 -2.96 -17.96 41.46
N TYR A 409 -3.79 -17.48 40.54
CA TYR A 409 -3.35 -17.33 39.16
C TYR A 409 -2.56 -16.04 38.94
N LEU A 410 -3.07 -14.92 39.43
CA LEU A 410 -2.39 -13.64 39.16
C LEU A 410 -1.11 -13.47 39.96
N GLU A 411 -1.05 -14.05 41.16
CA GLU A 411 0.13 -13.90 42.03
C GLU A 411 1.27 -14.76 41.48
N GLY A 412 1.84 -14.31 40.37
CA GLY A 412 3.03 -14.93 39.82
C GLY A 412 2.82 -16.22 39.07
N ASN A 413 1.59 -16.65 38.86
CA ASN A 413 1.30 -17.87 38.12
C ASN A 413 0.82 -17.62 36.71
N ARG A 414 0.56 -16.37 36.35
CA ARG A 414 0.04 -16.02 35.03
C ARG A 414 1.12 -16.17 33.97
N PRO A 415 0.78 -16.70 32.80
CA PRO A 415 1.76 -16.78 31.70
C PRO A 415 2.15 -15.40 31.20
N LYS A 416 3.39 -15.31 30.71
CA LYS A 416 3.93 -14.01 30.30
C LYS A 416 3.21 -13.49 29.06
N ARG A 417 2.67 -14.39 28.23
CA ARG A 417 2.04 -13.97 26.99
C ARG A 417 0.85 -13.06 27.26
N TYR A 418 0.04 -13.38 28.25
CA TYR A 418 -1.14 -12.56 28.54
C TYR A 418 -0.73 -11.18 29.04
N GLU A 419 0.35 -11.10 29.80
CA GLU A 419 0.84 -9.79 30.24
C GLU A 419 1.35 -8.98 29.05
N VAL A 420 2.07 -9.61 28.13
CA VAL A 420 2.55 -8.89 26.96
C VAL A 420 1.38 -8.45 26.10
N ILE A 421 0.33 -9.26 26.02
CA ILE A 421 -0.86 -8.87 25.27
C ILE A 421 -1.57 -7.71 25.95
N ASP A 422 -1.60 -7.71 27.27
CA ASP A 422 -2.11 -6.55 28.01
C ASP A 422 -1.34 -5.29 27.63
N LYS A 423 -0.02 -5.39 27.59
CA LYS A 423 0.81 -4.28 27.13
C LYS A 423 0.41 -3.85 25.73
N TRP A 424 0.26 -4.79 24.80
CA TRP A 424 -0.05 -4.44 23.42
C TRP A 424 -1.40 -3.74 23.32
N GLN A 425 -2.41 -4.25 24.03
CA GLN A 425 -3.74 -3.68 23.93
C GLN A 425 -3.79 -2.29 24.57
N LYS A 426 -3.13 -2.11 25.71
CA LYS A 426 -3.09 -0.78 26.33
C LYS A 426 -2.33 0.20 25.43
N GLY A 427 -1.32 -0.29 24.71
CA GLY A 427 -0.55 0.59 23.85
C GLY A 427 -1.36 1.20 22.72
N VAL A 428 -2.53 0.63 22.45
CA VAL A 428 -3.42 1.19 21.43
C VAL A 428 -4.73 1.63 22.08
N CYS A 434 -19.04 5.62 27.59
CA CYS A 434 -20.27 5.08 27.04
C CYS A 434 -20.69 3.83 27.78
N VAL A 435 -21.99 3.59 27.81
CA VAL A 435 -22.53 2.36 28.41
C VAL A 435 -22.93 1.42 27.29
N ARG A 436 -22.83 0.12 27.56
CA ARG A 436 -23.08 -0.90 26.55
C ARG A 436 -24.55 -1.28 26.55
N SER A 437 -25.18 -1.21 25.37
CA SER A 437 -26.62 -1.43 25.28
C SER A 437 -26.99 -2.85 25.71
N ARG A 438 -26.22 -3.83 25.29
CA ARG A 438 -26.44 -5.23 25.65
C ARG A 438 -25.20 -5.74 26.39
N TYR A 439 -25.25 -7.02 26.76
CA TYR A 439 -24.06 -7.66 27.30
C TYR A 439 -22.98 -7.74 26.23
N ALA A 440 -21.74 -7.72 26.66
CA ALA A 440 -20.64 -7.92 25.72
C ALA A 440 -20.61 -9.37 25.26
N SER A 441 -20.02 -9.58 24.09
CA SER A 441 -19.88 -10.95 23.58
C SER A 441 -18.99 -11.78 24.49
N THR A 442 -17.92 -11.19 25.01
CA THR A 442 -17.04 -11.87 25.95
C THR A 442 -16.71 -10.91 27.09
N THR A 443 -16.37 -11.48 28.25
CA THR A 443 -16.07 -10.67 29.43
C THR A 443 -14.87 -9.77 29.16
N GLN A 444 -15.06 -8.48 29.40
CA GLN A 444 -13.97 -7.53 29.14
C GLN A 444 -12.82 -7.70 30.13
N ASP A 445 -13.12 -8.05 31.38
CA ASP A 445 -12.09 -8.32 32.38
C ASP A 445 -11.67 -9.77 32.24
N THR A 446 -10.53 -10.02 31.59
CA THR A 446 -10.13 -11.39 31.29
C THR A 446 -9.87 -12.19 32.56
N CYS A 447 -9.19 -11.59 33.53
CA CYS A 447 -8.85 -12.28 34.77
C CYS A 447 -10.04 -12.39 35.73
N PHE A 448 -11.26 -12.15 35.25
CA PHE A 448 -12.43 -12.14 36.12
C PHE A 448 -12.55 -13.44 36.92
N TRP A 449 -12.43 -14.58 36.23
CA TRP A 449 -12.64 -15.84 36.91
C TRP A 449 -11.54 -16.15 37.91
N ALA A 450 -10.31 -15.73 37.63
CA ALA A 450 -9.23 -15.92 38.59
C ALA A 450 -9.50 -15.15 39.87
N LYS A 451 -9.91 -13.89 39.75
CA LYS A 451 -10.28 -13.11 40.92
C LYS A 451 -11.48 -13.72 41.63
N LEU A 452 -12.41 -14.31 40.88
CA LEU A 452 -13.55 -14.97 41.50
C LEU A 452 -13.09 -16.16 42.33
N GLU A 453 -12.16 -16.95 41.82
CA GLU A 453 -11.62 -18.07 42.59
C GLU A 453 -10.90 -17.57 43.83
N GLN A 454 -10.14 -16.48 43.69
CA GLN A 454 -9.49 -15.87 44.85
C GLN A 454 -10.51 -15.50 45.91
N ALA A 455 -11.59 -14.82 45.51
CA ALA A 455 -12.62 -14.43 46.46
C ALA A 455 -13.34 -15.64 47.05
N LYS A 456 -13.47 -16.72 46.27
CA LYS A 456 -14.05 -17.94 46.83
C LYS A 456 -13.19 -18.52 47.93
N GLU A 457 -11.88 -18.55 47.73
CA GLU A 457 -10.97 -18.96 48.81
C GLU A 457 -11.07 -18.01 49.99
N TRP A 458 -11.15 -16.71 49.73
CA TRP A 458 -11.25 -15.73 50.80
C TRP A 458 -12.51 -15.94 51.63
N LEU A 459 -13.63 -16.19 50.96
CA LEU A 459 -14.88 -16.41 51.67
C LEU A 459 -14.90 -17.75 52.37
N ASP A 460 -14.23 -18.76 51.81
CA ASP A 460 -14.06 -20.03 52.50
C ASP A 460 -13.31 -19.82 53.81
N GLU A 461 -12.24 -19.04 53.77
CA GLU A 461 -11.52 -18.70 55.00
C GLU A 461 -12.36 -17.87 55.95
N ALA A 462 -13.16 -16.93 55.43
CA ALA A 462 -13.99 -16.09 56.29
C ALA A 462 -15.06 -16.90 57.01
N ARG A 463 -15.61 -17.92 56.33
CA ARG A 463 -16.52 -18.85 56.98
C ARG A 463 -15.77 -19.95 57.72
N LYS A 464 -14.51 -20.20 57.39
CA LYS A 464 -13.72 -21.19 58.11
C LYS A 464 -13.62 -20.85 59.60
N GLU A 465 -13.56 -19.57 59.93
CA GLU A 465 -13.44 -19.12 61.32
C GLU A 465 -14.65 -18.24 61.66
N SER A 466 -15.26 -18.52 62.80
CA SER A 466 -16.33 -17.70 63.35
C SER A 466 -16.00 -17.15 64.73
N SER A 467 -14.80 -17.43 65.24
CA SER A 467 -14.37 -16.92 66.53
C SER A 467 -13.26 -15.87 66.40
N ASP A 468 -13.03 -15.37 65.19
CA ASP A 468 -12.05 -14.33 64.92
C ASP A 468 -12.75 -13.20 64.17
N PRO A 469 -13.53 -12.38 64.87
CA PRO A 469 -14.25 -11.29 64.18
C PRO A 469 -13.33 -10.30 63.49
N GLN A 470 -12.11 -10.12 64.00
CA GLN A 470 -11.17 -9.23 63.33
C GLN A 470 -10.78 -9.76 61.96
N ARG A 471 -10.48 -11.07 61.88
CA ARG A 471 -10.16 -11.66 60.58
C ARG A 471 -11.37 -11.61 59.66
N ARG A 472 -12.57 -11.82 60.20
CA ARG A 472 -13.78 -11.69 59.40
C ARG A 472 -13.89 -10.27 58.83
N SER A 473 -13.64 -9.26 59.67
CA SER A 473 -13.75 -7.89 59.20
C SER A 473 -12.71 -7.58 58.12
N LEU A 474 -11.47 -8.04 58.30
CA LEU A 474 -10.43 -7.75 57.32
C LEU A 474 -10.69 -8.48 56.00
N LEU A 475 -11.09 -9.74 56.08
CA LEU A 475 -11.46 -10.46 54.87
C LEU A 475 -12.65 -9.79 54.19
N ARG A 476 -13.55 -9.18 54.99
CA ARG A 476 -14.61 -8.39 54.40
C ARG A 476 -14.07 -7.15 53.71
N GLU A 477 -13.08 -6.49 54.30
CA GLU A 477 -12.47 -5.33 53.66
C GLU A 477 -11.86 -5.69 52.31
N LYS A 478 -11.27 -6.88 52.20
CA LYS A 478 -10.70 -7.30 50.92
C LYS A 478 -11.71 -8.03 50.03
N ILE A 479 -12.91 -8.32 50.53
CA ILE A 479 -13.95 -8.90 49.69
C ILE A 479 -14.82 -7.82 49.05
N VAL A 480 -15.08 -6.73 49.77
CA VAL A 480 -15.89 -5.63 49.22
C VAL A 480 -15.34 -5.03 47.92
N PRO A 481 -14.02 -4.81 47.73
CA PRO A 481 -13.64 -4.25 46.43
C PRO A 481 -13.84 -5.23 45.28
N PHE A 482 -13.76 -6.53 45.54
CA PHE A 482 -14.04 -7.50 44.49
C PHE A 482 -15.50 -7.45 44.06
N GLU A 483 -16.43 -7.43 45.01
CA GLU A 483 -17.84 -7.39 44.64
C GLU A 483 -18.19 -6.03 44.03
N SER A 484 -17.56 -4.96 44.48
CA SER A 484 -17.75 -3.67 43.84
C SER A 484 -17.28 -3.70 42.40
N TYR A 485 -16.11 -4.31 42.15
CA TYR A 485 -15.61 -4.44 40.79
C TYR A 485 -16.54 -5.29 39.93
N ALA A 486 -17.06 -6.37 40.51
CA ALA A 486 -18.01 -7.21 39.79
C ALA A 486 -19.27 -6.43 39.43
N ASN A 487 -19.79 -5.65 40.36
CA ASN A 487 -20.99 -4.86 40.07
C ASN A 487 -20.72 -3.82 39.00
N THR A 488 -19.55 -3.17 39.05
CA THR A 488 -19.20 -2.23 37.99
C THR A 488 -19.11 -2.93 36.64
N LEU A 489 -18.52 -4.13 36.61
CA LEU A 489 -18.39 -4.86 35.36
C LEU A 489 -19.74 -5.28 34.80
N VAL A 490 -20.66 -5.71 35.66
CA VAL A 490 -21.93 -6.23 35.15
C VAL A 490 -22.91 -5.11 34.83
N THR A 491 -22.87 -4.00 35.57
CA THR A 491 -23.78 -2.89 35.28
C THR A 491 -23.52 -2.33 33.89
N LYS A 492 -22.25 -2.17 33.52
CA LYS A 492 -21.92 -1.72 32.18
C LYS A 492 -22.21 -2.79 31.13
N LYS A 493 -22.54 -4.01 31.56
CA LYS A 493 -22.84 -5.11 30.65
C LYS A 493 -21.63 -5.44 29.77
N GLU A 494 -20.43 -5.28 30.32
CA GLU A 494 -19.20 -5.63 29.65
C GLU A 494 -18.79 -7.07 29.92
N VAL A 495 -19.71 -7.91 30.35
CA VAL A 495 -19.46 -9.32 30.61
C VAL A 495 -20.38 -10.14 29.71
N SER A 496 -19.91 -11.32 29.31
CA SER A 496 -20.74 -12.20 28.51
C SER A 496 -21.85 -12.79 29.37
N LEU A 497 -22.90 -13.28 28.69
CA LEU A 497 -24.06 -13.79 29.41
C LEU A 497 -23.71 -15.00 30.27
N ASP A 498 -22.65 -15.73 29.92
CA ASP A 498 -22.25 -16.90 30.69
C ASP A 498 -21.80 -16.54 32.10
N VAL A 499 -21.52 -15.26 32.37
CA VAL A 499 -21.19 -14.85 33.73
C VAL A 499 -22.44 -14.80 34.60
N LYS A 500 -23.61 -14.62 34.00
CA LYS A 500 -24.86 -14.52 34.73
C LYS A 500 -25.65 -15.83 34.74
N ALA A 501 -25.07 -16.91 34.24
CA ALA A 501 -25.77 -18.19 34.22
C ALA A 501 -26.10 -18.63 35.64
N LYS A 502 -27.26 -19.28 35.79
CA LYS A 502 -27.76 -19.61 37.12
C LYS A 502 -26.86 -20.62 37.83
N ASN A 503 -26.30 -21.57 37.08
CA ASN A 503 -25.40 -22.56 37.65
C ASN A 503 -23.94 -22.25 37.40
N SER A 504 -23.64 -21.07 36.84
CA SER A 504 -22.27 -20.61 36.77
C SER A 504 -21.75 -20.34 38.17
N SER A 505 -20.45 -20.58 38.37
CA SER A 505 -19.85 -20.46 39.69
C SER A 505 -20.05 -19.06 40.28
N TYR A 506 -20.16 -18.05 39.41
CA TYR A 506 -20.43 -16.70 39.88
C TYR A 506 -21.74 -16.64 40.66
N SER A 507 -22.78 -17.29 40.15
CA SER A 507 -24.09 -17.22 40.80
C SER A 507 -24.08 -17.89 42.17
N VAL A 508 -23.47 -19.07 42.28
CA VAL A 508 -23.46 -19.76 43.56
C VAL A 508 -22.58 -19.03 44.57
N TRP A 509 -21.46 -18.47 44.11
CA TRP A 509 -20.65 -17.65 45.02
C TRP A 509 -21.42 -16.41 45.47
N GLU A 510 -22.17 -15.79 44.56
CA GLU A 510 -22.99 -14.63 44.91
C GLU A 510 -23.99 -14.99 45.99
N ALA A 511 -24.72 -16.09 45.78
CA ALA A 511 -25.72 -16.51 46.76
C ALA A 511 -25.07 -16.82 48.10
N ASN A 512 -23.92 -17.50 48.08
CA ASN A 512 -23.24 -17.85 49.32
C ASN A 512 -22.78 -16.60 50.06
N LEU A 513 -22.28 -15.61 49.33
CA LEU A 513 -21.80 -14.39 50.00
C LEU A 513 -22.96 -13.59 50.59
N LYS A 514 -24.07 -13.46 49.85
CA LYS A 514 -25.21 -12.75 50.42
C LYS A 514 -25.82 -13.48 51.62
N GLU A 515 -25.90 -14.82 51.58
CA GLU A 515 -26.37 -15.52 52.78
C GLU A 515 -25.33 -15.46 53.89
N PHE A 516 -24.07 -15.20 53.53
CA PHE A 516 -23.02 -15.03 54.53
C PHE A 516 -23.17 -13.73 55.32
N LYS A 517 -23.89 -12.76 54.77
CA LYS A 517 -24.06 -11.48 55.45
C LYS A 517 -25.28 -11.51 56.35
N MET B 1 8.25 -9.85 -41.00
CA MET B 1 9.41 -10.13 -40.16
C MET B 1 8.99 -10.37 -38.72
N ALA B 2 9.96 -10.48 -37.82
CA ALA B 2 9.64 -10.64 -36.40
C ALA B 2 8.94 -9.41 -35.85
N PHE B 3 9.26 -8.23 -36.37
CA PHE B 3 8.59 -7.01 -35.94
C PHE B 3 7.10 -7.07 -36.23
N GLU B 4 6.73 -7.51 -37.44
CA GLU B 4 5.32 -7.61 -37.79
C GLU B 4 4.60 -8.62 -36.90
N ALA B 5 5.26 -9.76 -36.62
CA ALA B 5 4.66 -10.76 -35.75
C ALA B 5 4.44 -10.21 -34.34
N LEU B 6 5.43 -9.48 -33.82
CA LEU B 6 5.33 -9.00 -32.45
C LEU B 6 4.32 -7.87 -32.31
N THR B 7 4.33 -6.91 -33.24
CA THR B 7 3.54 -5.69 -33.11
C THR B 7 2.27 -5.67 -33.94
N GLY B 8 2.21 -6.42 -35.04
CA GLY B 8 1.03 -6.42 -35.87
C GLY B 8 0.96 -5.31 -36.90
N ILE B 9 2.06 -4.59 -37.11
CA ILE B 9 2.12 -3.54 -38.12
C ILE B 9 3.35 -3.77 -38.98
N ASN B 10 3.19 -3.68 -40.29
CA ASN B 10 4.28 -3.91 -41.22
C ASN B 10 4.91 -2.58 -41.62
N GLY B 11 5.97 -2.66 -42.43
CA GLY B 11 6.66 -1.45 -42.85
C GLY B 11 5.80 -0.53 -43.70
N ASP B 12 4.90 -1.10 -44.50
CA ASP B 12 4.02 -0.29 -45.33
C ASP B 12 3.14 0.61 -44.48
N LEU B 13 2.49 0.03 -43.48
CA LEU B 13 1.62 0.83 -42.61
C LEU B 13 2.42 1.89 -41.86
N ILE B 14 3.63 1.56 -41.43
CA ILE B 14 4.46 2.53 -40.73
C ILE B 14 4.85 3.68 -41.66
N THR B 15 5.25 3.37 -42.89
CA THR B 15 5.60 4.41 -43.83
C THR B 15 4.41 5.31 -44.14
N ARG B 16 3.24 4.72 -44.33
CA ARG B 16 2.06 5.52 -44.60
C ARG B 16 1.69 6.38 -43.39
N SER B 17 1.85 5.83 -42.18
CA SER B 17 1.58 6.61 -40.99
C SER B 17 2.55 7.79 -40.87
N TRP B 18 3.82 7.58 -41.18
CA TRP B 18 4.78 8.67 -41.14
C TRP B 18 4.44 9.74 -42.16
N SER B 19 4.09 9.33 -43.38
CA SER B 19 3.71 10.31 -44.40
C SER B 19 2.49 11.11 -43.96
N ALA B 20 1.49 10.43 -43.39
CA ALA B 20 0.32 11.14 -42.92
C ALA B 20 0.67 12.12 -41.81
N SER B 21 1.52 11.71 -40.87
CA SER B 21 1.94 12.62 -39.81
C SER B 21 2.69 13.82 -40.38
N LYS B 22 3.45 13.61 -41.45
CA LYS B 22 4.11 14.74 -42.10
C LYS B 22 3.10 15.72 -42.69
N GLN B 23 2.11 15.22 -43.43
CA GLN B 23 1.12 16.14 -43.99
C GLN B 23 0.19 16.71 -42.92
N ALA B 24 0.20 16.14 -41.72
CA ALA B 24 -0.64 16.69 -40.67
C ALA B 24 -0.14 18.03 -40.14
N TYR B 25 1.07 18.45 -40.50
CA TYR B 25 1.56 19.75 -40.05
C TYR B 25 0.66 20.88 -40.50
N LEU B 26 0.15 20.79 -41.72
CA LEU B 26 -0.62 21.87 -42.34
C LEU B 26 -2.09 21.84 -41.95
N THR B 27 -2.75 20.70 -42.15
CA THR B 27 -4.20 20.64 -41.99
C THR B 27 -4.57 20.84 -40.53
N GLU B 28 -5.74 21.44 -40.31
CA GLU B 28 -6.17 21.86 -38.97
C GLU B 28 -6.72 20.66 -38.21
N ARG B 29 -6.02 20.29 -37.14
CA ARG B 29 -6.43 19.37 -36.08
C ARG B 29 -6.47 17.89 -36.46
N TYR B 30 -6.42 17.55 -37.75
CA TYR B 30 -6.29 16.16 -38.17
C TYR B 30 -6.30 16.12 -39.69
N HIS B 31 -5.92 14.97 -40.23
CA HIS B 31 -5.83 14.77 -41.68
C HIS B 31 -6.12 13.31 -41.98
N LYS B 32 -7.18 13.06 -42.73
CA LYS B 32 -7.58 11.71 -43.10
C LYS B 32 -6.93 11.34 -44.43
N GLU B 33 -6.39 10.13 -44.49
CA GLU B 33 -5.69 9.65 -45.68
C GLU B 33 -6.20 8.26 -46.03
N GLU B 34 -6.52 8.06 -47.31
CA GLU B 34 -7.01 6.80 -47.82
C GLU B 34 -5.89 6.05 -48.52
N ALA B 35 -5.81 4.73 -48.29
CA ALA B 35 -4.88 3.90 -49.04
C ALA B 35 -5.42 2.47 -49.00
N GLY B 36 -6.02 2.04 -50.10
CA GLY B 36 -6.59 0.70 -50.14
C GLY B 36 -7.67 0.54 -49.10
N ALA B 37 -7.47 -0.44 -48.21
CA ALA B 37 -8.41 -0.72 -47.13
C ALA B 37 -8.03 -0.04 -45.83
N VAL B 38 -7.02 0.83 -45.84
CA VAL B 38 -6.49 1.45 -44.63
C VAL B 38 -6.74 2.95 -44.69
N VAL B 39 -7.40 3.46 -43.66
CA VAL B 39 -7.62 4.89 -43.50
C VAL B 39 -6.85 5.35 -42.28
N ILE B 40 -6.10 6.44 -42.43
CA ILE B 40 -5.17 6.92 -41.41
C ILE B 40 -5.60 8.31 -40.99
N PHE B 41 -5.69 8.52 -39.68
CA PHE B 41 -6.08 9.80 -39.11
C PHE B 41 -4.85 10.41 -38.44
N ALA B 42 -4.08 11.15 -39.21
CA ALA B 42 -2.93 11.83 -38.64
C ALA B 42 -3.37 13.07 -37.88
N PHE B 43 -2.58 13.46 -36.88
CA PHE B 43 -2.94 14.58 -36.03
C PHE B 43 -1.84 15.64 -36.06
N GLN B 44 -2.27 16.88 -35.97
CA GLN B 44 -1.36 18.01 -36.14
C GLN B 44 -0.60 18.26 -34.85
N PRO B 45 0.74 18.27 -34.89
CA PRO B 45 1.50 18.64 -33.71
C PRO B 45 1.39 20.13 -33.42
N SER B 46 1.65 20.48 -32.17
CA SER B 46 1.64 21.88 -31.75
C SER B 46 2.80 22.12 -30.81
N PHE B 47 3.42 23.29 -30.94
CA PHE B 47 4.69 23.58 -30.27
C PHE B 47 4.58 24.84 -29.43
N SER B 48 3.54 24.93 -28.60
CA SER B 48 3.40 26.02 -27.64
C SER B 48 3.21 25.44 -26.25
N GLU B 49 3.82 26.10 -25.25
CA GLU B 49 3.73 25.61 -23.89
C GLU B 49 2.31 25.56 -23.39
N LYS B 50 1.41 26.35 -23.98
CA LYS B 50 -0.01 26.23 -23.65
C LYS B 50 -0.58 24.90 -24.11
N ASP B 51 0.09 24.21 -25.04
CA ASP B 51 -0.39 22.95 -25.57
C ASP B 51 0.25 21.74 -24.92
N PHE B 52 1.30 21.93 -24.11
CA PHE B 52 1.86 20.87 -23.29
C PHE B 52 1.43 20.99 -21.84
N PHE B 53 1.42 22.20 -21.29
CA PHE B 53 0.88 22.47 -19.97
C PHE B 53 -0.34 23.38 -20.11
N ASP B 54 -1.40 23.07 -19.40
CA ASP B 54 -2.60 23.88 -19.52
C ASP B 54 -2.49 25.11 -18.62
N PRO B 55 -2.63 26.32 -19.18
CA PRO B 55 -2.44 27.52 -18.35
C PRO B 55 -3.38 27.61 -17.17
N ASP B 56 -4.62 27.16 -17.32
CA ASP B 56 -5.58 27.22 -16.23
C ASP B 56 -5.50 26.03 -15.30
N ASN B 57 -4.57 25.11 -15.55
CA ASN B 57 -4.39 23.94 -14.69
C ASN B 57 -3.36 24.27 -13.62
N LYS B 58 -3.82 24.32 -12.36
CA LYS B 58 -2.92 24.75 -11.25
C LYS B 58 -2.11 23.58 -10.69
N SER B 59 -1.87 22.54 -11.50
CA SER B 59 -0.99 21.44 -11.02
C SER B 59 0.40 21.61 -11.64
N SER B 60 1.42 21.00 -11.03
CA SER B 60 2.82 21.20 -11.52
C SER B 60 3.17 20.20 -12.62
N PHE B 61 2.19 19.45 -13.14
CA PHE B 61 2.47 18.53 -14.27
C PHE B 61 1.38 18.69 -15.33
N GLY B 62 0.34 19.48 -15.05
CA GLY B 62 -0.70 19.67 -16.05
C GLY B 62 -1.55 18.44 -16.30
N GLU B 63 -1.89 17.71 -15.24
CA GLU B 63 -2.64 16.47 -15.35
C GLU B 63 -4.04 16.64 -14.80
N ILE B 64 -4.94 15.75 -15.23
CA ILE B 64 -6.34 15.80 -14.84
C ILE B 64 -6.90 14.39 -14.91
N LYS B 65 -7.88 14.12 -14.06
CA LYS B 65 -8.52 12.81 -14.04
C LYS B 65 -9.52 12.70 -15.18
N LEU B 66 -9.48 11.56 -15.87
CA LEU B 66 -10.47 11.28 -16.89
C LEU B 66 -11.85 11.14 -16.26
N ASN B 67 -12.88 11.47 -17.03
CA ASN B 67 -14.25 11.26 -16.59
C ASN B 67 -14.61 9.79 -16.81
N ARG B 68 -15.18 9.16 -15.78
CA ARG B 68 -15.50 7.75 -15.87
C ARG B 68 -16.75 7.47 -16.70
N VAL B 69 -17.24 8.45 -17.44
CA VAL B 69 -18.35 8.26 -18.36
C VAL B 69 -17.90 8.42 -19.80
N GLN B 70 -16.96 9.33 -20.07
CA GLN B 70 -16.40 9.45 -21.41
C GLN B 70 -15.45 8.30 -21.74
N PHE B 71 -14.60 7.91 -20.79
CA PHE B 71 -13.69 6.77 -20.93
C PHE B 71 -13.95 5.84 -19.76
N PRO B 72 -15.05 5.09 -19.80
CA PRO B 72 -15.46 4.31 -18.61
C PRO B 72 -14.47 3.24 -18.18
N CYS B 73 -13.76 2.60 -19.11
CA CYS B 73 -12.92 1.47 -18.76
C CYS B 73 -11.58 1.87 -18.15
N MET B 74 -11.14 3.11 -18.36
CA MET B 74 -9.80 3.53 -17.95
C MET B 74 -9.80 3.81 -16.45
N ARG B 75 -9.66 2.75 -15.67
CA ARG B 75 -9.69 2.86 -14.22
C ARG B 75 -9.20 1.56 -13.61
N LYS B 76 -9.12 1.54 -12.29
CA LYS B 76 -8.91 0.32 -11.52
C LYS B 76 -10.27 -0.29 -11.22
N ILE B 77 -10.52 -1.48 -11.73
CA ILE B 77 -11.85 -2.07 -11.62
C ILE B 77 -12.20 -2.32 -10.16
N GLY B 78 -11.32 -2.99 -9.42
CA GLY B 78 -11.60 -3.26 -8.02
C GLY B 78 -11.51 -2.01 -7.16
N LYS B 79 -10.45 -1.23 -7.34
CA LYS B 79 -10.23 -0.07 -6.48
C LYS B 79 -11.18 1.07 -6.80
N GLY B 80 -11.46 1.29 -8.08
CA GLY B 80 -12.34 2.36 -8.52
C GLY B 80 -11.65 3.64 -8.91
N ASP B 81 -10.32 3.69 -8.85
CA ASP B 81 -9.60 4.91 -9.15
C ASP B 81 -9.50 5.10 -10.66
N VAL B 82 -9.84 6.30 -11.12
CA VAL B 82 -9.83 6.61 -12.54
C VAL B 82 -8.41 7.01 -12.97
N ALA B 83 -8.18 6.96 -14.27
CA ALA B 83 -6.86 7.27 -14.80
C ALA B 83 -6.65 8.78 -14.87
N THR B 84 -5.42 9.16 -15.19
CA THR B 84 -5.01 10.55 -15.22
C THR B 84 -4.22 10.82 -16.48
N VAL B 85 -4.57 11.90 -17.19
CA VAL B 85 -3.90 12.23 -18.44
C VAL B 85 -3.57 13.72 -18.45
N ASN B 86 -2.65 14.08 -19.34
CA ASN B 86 -2.31 15.48 -19.57
C ASN B 86 -3.56 16.25 -19.99
N GLU B 87 -3.79 17.40 -19.37
CA GLU B 87 -5.03 18.13 -19.63
C GLU B 87 -5.01 18.80 -20.99
N ALA B 88 -3.87 19.34 -21.40
CA ALA B 88 -3.80 20.02 -22.69
C ALA B 88 -4.06 19.05 -23.85
N PHE B 89 -3.48 17.85 -23.78
CA PHE B 89 -3.72 16.86 -24.82
C PHE B 89 -5.18 16.44 -24.87
N LEU B 90 -5.79 16.25 -23.69
CA LEU B 90 -7.19 15.89 -23.64
C LEU B 90 -8.07 16.99 -24.21
N LYS B 91 -7.76 18.25 -23.92
CA LYS B 91 -8.53 19.35 -24.49
C LYS B 91 -8.39 19.42 -25.99
N ASN B 92 -7.19 19.18 -26.51
CA ASN B 92 -7.01 19.13 -27.96
C ASN B 92 -7.85 18.01 -28.57
N LEU B 93 -7.85 16.84 -27.94
CA LEU B 93 -8.66 15.74 -28.43
C LEU B 93 -10.14 16.09 -28.43
N GLU B 94 -10.61 16.70 -27.34
CA GLU B 94 -12.02 17.05 -27.22
C GLU B 94 -12.42 18.15 -28.21
N ALA B 95 -11.48 19.01 -28.58
CA ALA B 95 -11.75 19.95 -29.66
C ALA B 95 -11.87 19.23 -30.99
N ILE B 96 -11.05 18.19 -31.20
CA ILE B 96 -11.11 17.44 -32.45
C ILE B 96 -12.37 16.58 -32.54
N ILE B 97 -12.86 16.06 -31.41
CA ILE B 97 -14.01 15.16 -31.40
C ILE B 97 -15.29 15.90 -31.73
N ASP B 98 -15.44 17.12 -31.20
CA ASP B 98 -16.68 17.89 -31.13
C ASP B 98 -17.53 17.75 -32.39
N PRO B 99 -18.85 17.50 -32.23
CA PRO B 99 -19.71 17.26 -33.40
C PRO B 99 -19.65 18.37 -34.45
N ARG B 100 -19.19 19.55 -34.06
CA ARG B 100 -19.00 20.63 -35.02
C ARG B 100 -17.86 20.37 -35.99
N THR B 101 -17.20 19.22 -35.92
CA THR B 101 -16.20 18.80 -36.88
C THR B 101 -16.67 17.55 -37.60
N SER B 102 -15.89 17.12 -38.59
CA SER B 102 -16.20 15.92 -39.36
C SER B 102 -15.38 14.73 -38.96
N PHE B 103 -14.68 14.80 -37.82
CA PHE B 103 -13.84 13.68 -37.38
C PHE B 103 -14.69 12.46 -37.02
N GLN B 104 -15.72 12.66 -36.20
CA GLN B 104 -16.54 11.52 -35.78
C GLN B 104 -17.32 10.93 -36.94
N ALA B 105 -17.85 11.78 -37.82
CA ALA B 105 -18.56 11.27 -38.99
C ALA B 105 -17.63 10.49 -39.92
N SER B 106 -16.41 10.99 -40.12
CA SER B 106 -15.46 10.28 -40.95
C SER B 106 -15.07 8.95 -40.32
N VAL B 107 -14.91 8.92 -38.99
CA VAL B 107 -14.56 7.68 -38.32
C VAL B 107 -15.69 6.66 -38.45
N GLU B 108 -16.93 7.10 -38.30
CA GLU B 108 -18.06 6.20 -38.49
C GLU B 108 -18.11 5.69 -39.92
N MET B 109 -17.86 6.56 -40.89
CA MET B 109 -17.86 6.16 -42.29
C MET B 109 -16.75 5.18 -42.60
N ALA B 110 -15.62 5.29 -41.93
CA ALA B 110 -14.53 4.34 -42.12
C ALA B 110 -14.80 3.00 -41.43
N VAL B 111 -15.44 3.04 -40.26
CA VAL B 111 -15.83 1.80 -39.59
C VAL B 111 -16.85 1.04 -40.43
N ARG B 112 -17.82 1.75 -41.01
CA ARG B 112 -18.83 1.09 -41.83
C ARG B 112 -18.26 0.49 -43.11
N SER B 113 -17.08 0.91 -43.53
CA SER B 113 -16.46 0.41 -44.75
C SER B 113 -15.52 -0.77 -44.50
N ARG B 114 -15.45 -1.26 -43.26
CA ARG B 114 -14.58 -2.39 -42.90
C ARG B 114 -13.11 -2.07 -43.18
N LYS B 115 -12.74 -0.82 -42.95
CA LYS B 115 -11.36 -0.39 -43.14
C LYS B 115 -10.55 -0.59 -41.88
N GLN B 116 -9.23 -0.59 -42.03
CA GLN B 116 -8.33 -0.66 -40.89
C GLN B 116 -8.07 0.75 -40.38
N ILE B 117 -8.56 1.05 -39.19
CA ILE B 117 -8.43 2.39 -38.62
C ILE B 117 -7.03 2.53 -38.02
N VAL B 118 -6.31 3.56 -38.43
CA VAL B 118 -4.98 3.84 -37.90
C VAL B 118 -4.92 5.29 -37.48
N PHE B 119 -4.63 5.53 -36.20
CA PHE B 119 -4.38 6.86 -35.69
C PHE B 119 -2.87 7.04 -35.53
N THR B 120 -2.33 8.03 -36.19
CA THR B 120 -0.89 8.25 -36.19
C THR B 120 -0.60 9.69 -35.82
N GLY B 121 0.64 9.98 -35.43
CA GLY B 121 0.93 11.36 -34.99
C GLY B 121 2.40 11.63 -34.73
N HIS B 122 2.81 12.90 -34.81
CA HIS B 122 4.22 13.28 -34.50
C HIS B 122 4.18 14.26 -33.33
N SER B 123 5.15 14.18 -32.41
CA SER B 123 5.21 15.07 -31.21
C SER B 123 3.85 15.12 -30.51
N SER B 124 3.31 16.34 -30.29
CA SER B 124 2.02 16.50 -29.56
C SER B 124 0.88 15.80 -30.31
N GLY B 125 0.96 15.72 -31.64
CA GLY B 125 -0.06 14.99 -32.42
C GLY B 125 -0.05 13.51 -32.08
N GLY B 126 1.12 12.95 -31.75
CA GLY B 126 1.21 11.54 -31.35
C GLY B 126 0.49 11.30 -30.03
N ALA B 127 0.60 12.25 -29.10
CA ALA B 127 -0.13 12.13 -27.84
C ALA B 127 -1.62 12.13 -28.10
N THR B 128 -2.10 13.10 -28.88
CA THR B 128 -3.51 13.11 -29.25
C THR B 128 -3.91 11.80 -29.89
N ALA B 129 -3.07 11.29 -30.80
CA ALA B 129 -3.37 10.02 -31.45
C ALA B 129 -3.66 8.95 -30.41
N ILE B 130 -2.79 8.83 -29.39
CA ILE B 130 -3.00 7.82 -28.36
C ILE B 130 -4.38 7.99 -27.76
N LEU B 131 -4.70 9.22 -27.36
CA LEU B 131 -5.99 9.48 -26.75
C LEU B 131 -7.11 9.10 -27.70
N ALA B 132 -6.99 9.49 -28.97
CA ALA B 132 -8.04 9.18 -29.94
C ALA B 132 -8.26 7.67 -29.99
N THR B 133 -7.18 6.89 -30.00
CA THR B 133 -7.33 5.44 -30.07
C THR B 133 -8.14 4.94 -28.87
N VAL B 134 -7.80 5.41 -27.68
CA VAL B 134 -8.56 5.00 -26.51
C VAL B 134 -10.01 5.38 -26.67
N TRP B 135 -10.26 6.59 -27.17
CA TRP B 135 -11.62 7.02 -27.45
C TRP B 135 -12.32 6.01 -28.34
N TYR B 136 -11.67 5.65 -29.45
CA TYR B 136 -12.23 4.66 -30.35
C TYR B 136 -12.49 3.36 -29.62
N LEU B 137 -11.52 2.90 -28.82
CA LEU B 137 -11.69 1.66 -28.09
C LEU B 137 -12.83 1.75 -27.10
N GLU B 138 -13.04 2.91 -26.51
CA GLU B 138 -14.13 3.03 -25.54
C GLU B 138 -15.48 3.15 -26.22
N LYS B 139 -15.49 3.42 -27.52
CA LYS B 139 -16.74 3.77 -28.19
C LYS B 139 -17.18 2.77 -29.23
N TYR B 140 -16.26 2.06 -29.89
CA TYR B 140 -16.61 1.15 -30.96
C TYR B 140 -16.14 -0.27 -30.69
N PHE B 141 -14.89 -0.46 -30.30
CA PHE B 141 -14.36 -1.81 -30.14
C PHE B 141 -15.04 -2.53 -28.99
N ILE B 142 -15.12 -1.90 -27.82
CA ILE B 142 -15.71 -2.57 -26.66
C ILE B 142 -17.20 -2.84 -26.88
N ARG B 143 -17.84 -2.10 -27.77
CA ARG B 143 -19.27 -2.28 -28.04
C ARG B 143 -19.56 -3.49 -28.90
N ASN B 144 -18.70 -3.79 -29.87
CA ASN B 144 -18.86 -4.96 -30.74
C ASN B 144 -17.50 -5.42 -31.19
N PRO B 145 -16.76 -6.11 -30.31
CA PRO B 145 -15.36 -6.43 -30.62
C PRO B 145 -15.22 -7.42 -31.76
N ASN B 146 -14.69 -6.94 -32.88
CA ASN B 146 -14.40 -7.78 -34.03
C ASN B 146 -12.94 -7.56 -34.41
N VAL B 147 -12.41 -8.44 -35.26
CA VAL B 147 -11.03 -8.29 -35.70
C VAL B 147 -10.90 -7.07 -36.61
N TYR B 148 -11.90 -6.80 -37.45
CA TYR B 148 -11.84 -5.64 -38.33
C TYR B 148 -11.82 -4.35 -37.55
N LEU B 149 -12.62 -4.25 -36.48
CA LEU B 149 -12.69 -3.06 -35.66
C LEU B 149 -11.46 -2.86 -34.80
N GLU B 150 -10.39 -3.63 -35.00
CA GLU B 150 -9.16 -3.43 -34.26
C GLU B 150 -8.42 -2.22 -34.81
N PRO B 151 -8.15 -1.21 -33.99
CA PRO B 151 -7.39 -0.05 -34.46
C PRO B 151 -5.89 -0.30 -34.35
N ARG B 152 -5.14 0.63 -34.93
CA ARG B 152 -3.71 0.71 -34.73
C ARG B 152 -3.35 2.14 -34.36
N CYS B 153 -2.37 2.30 -33.48
CA CYS B 153 -1.90 3.62 -33.08
C CYS B 153 -0.40 3.66 -33.27
N VAL B 154 0.07 4.63 -34.05
CA VAL B 154 1.49 4.78 -34.36
C VAL B 154 1.90 6.21 -34.02
N THR B 155 2.74 6.36 -33.02
CA THR B 155 3.23 7.67 -32.63
C THR B 155 4.72 7.76 -32.91
N PHE B 156 5.19 8.97 -33.22
CA PHE B 156 6.59 9.22 -33.52
C PHE B 156 7.12 10.28 -32.55
N GLY B 157 7.89 9.84 -31.57
CA GLY B 157 8.40 10.75 -30.57
C GLY B 157 7.30 11.42 -29.80
N ALA B 158 6.35 10.69 -29.40
CA ALA B 158 5.28 11.38 -28.71
C ALA B 158 5.58 11.49 -27.22
N PRO B 159 5.12 12.56 -26.58
CA PRO B 159 5.27 12.66 -25.12
C PRO B 159 4.40 11.65 -24.41
N LEU B 160 4.69 11.46 -23.13
CA LEU B 160 3.84 10.63 -22.29
C LEU B 160 2.48 11.29 -22.13
N VAL B 161 1.45 10.46 -21.95
CA VAL B 161 0.07 10.91 -21.93
C VAL B 161 -0.60 10.63 -20.59
N GLY B 162 -0.53 9.38 -20.13
CA GLY B 162 -1.27 8.94 -18.97
C GLY B 162 -0.37 8.50 -17.82
N ASP B 163 -1.00 8.27 -16.68
CA ASP B 163 -0.30 7.81 -15.49
C ASP B 163 -0.23 6.28 -15.49
N SER B 164 0.08 5.70 -14.34
CA SER B 164 0.22 4.24 -14.26
C SER B 164 -1.13 3.54 -14.38
N ILE B 165 -2.20 4.17 -13.89
CA ILE B 165 -3.53 3.58 -14.04
C ILE B 165 -3.94 3.51 -15.50
N PHE B 166 -3.54 4.50 -16.29
CA PHE B 166 -3.80 4.47 -17.73
C PHE B 166 -3.19 3.23 -18.37
N SER B 167 -1.90 2.97 -18.08
CA SER B 167 -1.24 1.83 -18.67
C SER B 167 -1.80 0.51 -18.13
N HIS B 168 -2.15 0.48 -16.84
CA HIS B 168 -2.74 -0.71 -16.26
C HIS B 168 -4.09 -1.03 -16.91
N ALA B 169 -4.90 0.00 -17.16
CA ALA B 169 -6.18 -0.21 -17.82
C ALA B 169 -5.99 -0.65 -19.26
N LEU B 170 -4.98 -0.10 -19.95
CA LEU B 170 -4.68 -0.56 -21.30
C LEU B 170 -4.28 -2.03 -21.31
N GLY B 171 -3.49 -2.45 -20.32
CA GLY B 171 -3.04 -3.83 -20.28
C GLY B 171 -4.09 -4.81 -19.82
N ARG B 172 -5.02 -4.37 -18.97
CA ARG B 172 -6.06 -5.27 -18.49
C ARG B 172 -7.04 -5.63 -19.60
N GLU B 173 -7.43 -4.64 -20.40
CA GLU B 173 -8.34 -4.87 -21.51
C GLU B 173 -7.65 -5.52 -22.71
N LYS B 174 -6.35 -5.76 -22.61
CA LYS B 174 -5.56 -6.34 -23.71
C LYS B 174 -5.54 -5.41 -24.92
N TRP B 175 -5.45 -4.12 -24.67
CA TRP B 175 -5.37 -3.12 -25.74
C TRP B 175 -3.96 -2.63 -25.98
N SER B 176 -3.01 -2.91 -25.08
CA SER B 176 -1.66 -2.37 -25.20
C SER B 176 -0.93 -2.89 -26.43
N ARG B 177 -1.41 -3.97 -27.04
CA ARG B 177 -0.77 -4.46 -28.26
C ARG B 177 -1.05 -3.57 -29.46
N PHE B 178 -2.07 -2.72 -29.37
CA PHE B 178 -2.44 -1.85 -30.48
C PHE B 178 -1.52 -0.65 -30.63
N PHE B 179 -0.91 -0.21 -29.55
CA PHE B 179 -0.13 1.03 -29.53
C PHE B 179 1.34 0.76 -29.82
N VAL B 180 1.94 1.60 -30.67
CA VAL B 180 3.35 1.50 -31.01
C VAL B 180 3.92 2.91 -31.04
N ASN B 181 4.90 3.17 -30.17
CA ASN B 181 5.46 4.50 -29.98
C ASN B 181 6.94 4.48 -30.35
N PHE B 182 7.25 4.89 -31.57
CA PHE B 182 8.65 4.95 -31.98
C PHE B 182 9.35 6.08 -31.23
N VAL B 183 10.48 5.75 -30.62
CA VAL B 183 11.29 6.72 -29.89
C VAL B 183 12.72 6.58 -30.37
N SER B 184 13.31 7.69 -30.81
CA SER B 184 14.73 7.69 -31.15
C SER B 184 15.51 8.00 -29.89
N ARG B 185 16.72 7.44 -29.81
CA ARG B 185 17.42 7.30 -28.53
C ARG B 185 17.49 8.60 -27.73
N PHE B 186 17.91 9.71 -28.35
CA PHE B 186 18.14 10.95 -27.56
C PHE B 186 16.97 11.94 -27.58
N ASP B 187 15.88 11.63 -28.27
CA ASP B 187 14.73 12.58 -28.42
C ASP B 187 14.24 13.10 -27.06
N ILE B 188 14.22 14.42 -26.85
CA ILE B 188 13.83 14.93 -25.50
C ILE B 188 12.31 14.91 -25.28
N VAL B 189 11.50 14.85 -26.36
CA VAL B 189 10.06 15.00 -26.19
C VAL B 189 9.45 13.86 -25.39
N PRO B 190 9.84 12.59 -25.61
CA PRO B 190 9.28 11.52 -24.77
C PRO B 190 9.59 11.65 -23.27
N ARG B 191 10.61 12.42 -22.89
CA ARG B 191 10.98 12.58 -21.48
C ARG B 191 10.59 13.93 -20.89
N ILE B 192 10.05 14.85 -21.68
CA ILE B 192 9.78 16.20 -21.19
C ILE B 192 8.71 16.18 -20.10
N MET B 193 7.66 15.41 -20.30
CA MET B 193 6.56 15.41 -19.35
C MET B 193 6.92 14.72 -18.04
N LEU B 194 8.16 14.25 -17.90
CA LEU B 194 8.65 13.73 -16.63
C LEU B 194 9.17 14.82 -15.70
N ALA B 195 9.27 16.06 -16.18
CA ALA B 195 9.73 17.18 -15.38
C ALA B 195 8.55 17.92 -14.76
N ARG B 196 8.86 18.78 -13.80
CA ARG B 196 7.84 19.63 -13.23
C ARG B 196 7.64 20.86 -14.09
N LYS B 197 6.47 21.49 -13.94
CA LYS B 197 6.19 22.72 -14.67
C LYS B 197 7.18 23.81 -14.28
N ALA B 198 7.44 23.95 -12.98
CA ALA B 198 8.30 25.02 -12.50
C ALA B 198 9.75 24.84 -12.97
N SER B 199 10.15 23.60 -13.20
CA SER B 199 11.54 23.35 -13.59
C SER B 199 11.83 23.84 -15.00
N VAL B 200 10.82 23.88 -15.87
CA VAL B 200 11.03 24.21 -17.27
C VAL B 200 10.18 25.39 -17.73
N GLU B 201 9.53 26.09 -16.80
CA GLU B 201 8.69 27.23 -17.19
C GLU B 201 9.51 28.28 -17.96
N GLU B 202 10.72 28.57 -17.48
CA GLU B 202 11.48 29.67 -18.05
C GLU B 202 12.08 29.33 -19.41
N THR B 203 12.32 28.07 -19.70
CA THR B 203 13.06 27.67 -20.89
C THR B 203 12.21 26.89 -21.89
N LEU B 204 10.97 26.52 -21.54
CA LEU B 204 10.16 25.72 -22.45
C LEU B 204 9.87 26.39 -23.79
N PRO B 205 9.43 27.66 -23.85
CA PRO B 205 9.06 28.21 -25.16
C PRO B 205 10.20 28.23 -26.17
N HIS B 206 11.43 28.53 -25.73
CA HIS B 206 12.55 28.59 -26.65
C HIS B 206 12.84 27.21 -27.25
N VAL B 207 12.86 26.18 -26.40
CA VAL B 207 13.15 24.84 -26.89
C VAL B 207 12.02 24.34 -27.77
N LEU B 208 10.76 24.65 -27.41
CA LEU B 208 9.64 24.24 -28.24
C LEU B 208 9.72 24.88 -29.61
N ALA B 209 10.04 26.17 -29.67
CA ALA B 209 10.21 26.83 -30.96
C ALA B 209 11.39 26.24 -31.73
N GLN B 210 12.40 25.74 -31.02
CA GLN B 210 13.50 25.06 -31.70
C GLN B 210 13.11 23.68 -32.21
N LEU B 211 12.12 23.04 -31.59
CA LEU B 211 11.65 21.74 -32.03
C LEU B 211 10.72 21.82 -33.23
N ASP B 212 10.12 22.97 -33.46
CA ASP B 212 9.12 23.12 -34.52
C ASP B 212 9.77 22.98 -35.88
N PRO B 213 9.32 22.04 -36.72
CA PRO B 213 9.88 21.89 -38.07
C PRO B 213 9.52 23.05 -39.00
N SER B 221 19.62 30.17 -28.00
CA SER B 221 20.78 30.11 -27.10
C SER B 221 21.12 28.69 -26.72
N GLU B 222 22.41 28.34 -26.83
CA GLU B 222 22.87 27.04 -26.34
C GLU B 222 22.76 26.94 -24.82
N GLN B 223 22.87 28.06 -24.12
CA GLN B 223 22.66 28.04 -22.68
C GLN B 223 21.25 27.55 -22.36
N ARG B 224 20.26 28.04 -23.10
CA ARG B 224 18.88 27.63 -22.83
C ARG B 224 18.65 26.17 -23.13
N ILE B 225 19.18 25.67 -24.25
CA ILE B 225 19.01 24.26 -24.59
C ILE B 225 19.67 23.38 -23.55
N THR B 226 20.91 23.72 -23.16
CA THR B 226 21.62 22.92 -22.16
C THR B 226 20.90 22.95 -20.82
N GLU B 227 20.42 24.12 -20.39
CA GLU B 227 19.72 24.21 -19.12
C GLU B 227 18.43 23.43 -19.14
N PHE B 228 17.68 23.50 -20.24
CA PHE B 228 16.45 22.73 -20.36
C PHE B 228 16.73 21.23 -20.30
N TYR B 229 17.74 20.78 -21.03
CA TYR B 229 18.09 19.37 -21.01
C TYR B 229 18.49 18.93 -19.61
N THR B 230 19.31 19.74 -18.93
CA THR B 230 19.77 19.39 -17.59
C THR B 230 18.61 19.27 -16.62
N ARG B 231 17.68 20.23 -16.65
CA ARG B 231 16.55 20.18 -15.72
C ARG B 231 15.64 19.00 -16.02
N VAL B 232 15.35 18.77 -17.31
CA VAL B 232 14.50 17.65 -17.70
C VAL B 232 15.12 16.34 -17.24
N MET B 233 16.42 16.16 -17.46
CA MET B 233 17.04 14.90 -17.08
C MET B 233 17.20 14.78 -15.57
N ARG B 234 17.31 15.88 -14.84
CA ARG B 234 17.35 15.80 -13.38
C ARG B 234 16.03 15.26 -12.84
N ASP B 235 14.91 15.82 -13.30
CA ASP B 235 13.63 15.31 -12.86
C ASP B 235 13.40 13.88 -13.34
N THR B 236 13.88 13.56 -14.54
CA THR B 236 13.78 12.19 -15.03
C THR B 236 14.54 11.22 -14.15
N SER B 237 15.75 11.60 -13.72
CA SER B 237 16.54 10.74 -12.84
C SER B 237 15.82 10.53 -11.51
N THR B 238 15.27 11.60 -10.94
CA THR B 238 14.55 11.45 -9.68
C THR B 238 13.37 10.48 -9.84
N VAL B 239 12.59 10.65 -10.90
CA VAL B 239 11.42 9.82 -11.12
C VAL B 239 11.82 8.36 -11.33
N ALA B 240 12.84 8.12 -12.15
CA ALA B 240 13.26 6.75 -12.42
C ALA B 240 13.80 6.07 -11.17
N ASN B 241 14.60 6.79 -10.37
CA ASN B 241 15.12 6.21 -9.14
C ASN B 241 14.00 5.86 -8.19
N GLN B 242 13.05 6.77 -7.99
CA GLN B 242 11.95 6.48 -7.08
C GLN B 242 11.11 5.33 -7.58
N ALA B 243 10.87 5.26 -8.90
CA ALA B 243 10.04 4.19 -9.45
C ALA B 243 10.69 2.83 -9.25
N VAL B 244 11.97 2.70 -9.58
CA VAL B 244 12.62 1.41 -9.40
C VAL B 244 12.74 1.05 -7.93
N CYS B 245 12.96 2.05 -7.06
CA CYS B 245 13.03 1.74 -5.64
C CYS B 245 11.68 1.31 -5.10
N GLU B 246 10.59 1.78 -5.70
CA GLU B 246 9.28 1.41 -5.20
C GLU B 246 8.79 0.08 -5.72
N LEU B 247 9.06 -0.26 -6.99
CA LEU B 247 8.48 -1.49 -7.52
C LEU B 247 9.18 -2.73 -7.00
N THR B 248 10.37 -2.61 -6.43
CA THR B 248 11.04 -3.73 -5.78
C THR B 248 10.74 -3.79 -4.29
N GLY B 249 9.88 -2.91 -3.78
CA GLY B 249 9.56 -2.92 -2.37
C GLY B 249 10.71 -2.54 -1.47
N SER B 250 11.68 -1.81 -2.00
CA SER B 250 12.85 -1.43 -1.23
C SER B 250 12.58 -0.16 -0.43
N ALA B 251 13.01 -0.16 0.82
CA ALA B 251 12.98 1.02 1.68
C ALA B 251 11.58 1.62 1.75
N GLU B 252 10.65 0.82 2.28
CA GLU B 252 9.26 1.25 2.37
C GLU B 252 9.11 2.52 3.20
N ALA B 253 9.67 2.52 4.42
CA ALA B 253 9.45 3.64 5.31
C ALA B 253 10.23 4.88 4.87
N PHE B 254 11.43 4.68 4.35
CA PHE B 254 12.23 5.81 3.86
C PHE B 254 11.52 6.51 2.71
N LEU B 255 11.04 5.73 1.75
CA LEU B 255 10.29 6.29 0.64
C LEU B 255 9.01 6.95 1.12
N GLU B 256 8.33 6.34 2.10
CA GLU B 256 7.08 6.90 2.59
C GLU B 256 7.31 8.25 3.28
N THR B 257 8.42 8.39 4.01
CA THR B 257 8.69 9.67 4.65
C THR B 257 9.15 10.73 3.65
N LEU B 258 9.94 10.35 2.63
CA LEU B 258 10.30 11.34 1.62
C LEU B 258 9.11 11.73 0.75
N SER B 259 8.12 10.84 0.60
CA SER B 259 7.07 11.07 -0.38
C SER B 259 6.32 12.38 -0.11
N SER B 260 6.19 12.78 1.15
CA SER B 260 5.58 14.07 1.44
C SER B 260 6.44 15.22 0.98
N PHE B 261 7.74 15.02 0.84
CA PHE B 261 8.66 16.06 0.41
C PHE B 261 8.98 15.97 -1.08
N LEU B 262 8.50 14.93 -1.77
CA LEU B 262 8.82 14.70 -3.17
C LEU B 262 7.61 14.98 -4.04
N GLU B 263 7.85 15.64 -5.18
CA GLU B 263 6.80 16.02 -6.11
C GLU B 263 7.21 15.42 -7.45
N LEU B 264 6.63 14.28 -7.80
CA LEU B 264 7.14 13.41 -8.84
C LEU B 264 6.12 13.27 -9.96
N SER B 265 6.62 13.24 -11.19
CA SER B 265 5.75 13.17 -12.35
C SER B 265 4.99 11.85 -12.35
N PRO B 266 3.68 11.87 -12.64
CA PRO B 266 2.90 10.64 -12.68
C PRO B 266 2.89 9.92 -14.02
N TYR B 267 3.32 10.57 -15.09
CA TYR B 267 3.18 10.00 -16.42
C TYR B 267 4.06 8.78 -16.61
N ARG B 268 3.54 7.78 -17.30
CA ARG B 268 4.24 6.53 -17.53
C ARG B 268 4.07 6.11 -18.98
N PRO B 269 5.01 5.33 -19.51
CA PRO B 269 4.85 4.80 -20.87
C PRO B 269 3.60 3.93 -20.98
N ALA B 270 2.98 3.98 -22.15
CA ALA B 270 1.79 3.17 -22.43
C ALA B 270 1.96 2.51 -23.79
N GLY B 271 1.79 1.20 -23.83
CA GLY B 271 1.94 0.47 -25.08
C GLY B 271 3.37 0.11 -25.37
N THR B 272 3.55 -0.56 -26.50
CA THR B 272 4.86 -1.00 -26.93
C THR B 272 5.69 0.19 -27.39
N PHE B 273 6.89 0.32 -26.86
CA PHE B 273 7.85 1.32 -27.29
C PHE B 273 8.92 0.65 -28.15
N VAL B 274 9.46 1.40 -29.10
CA VAL B 274 10.52 0.91 -29.97
C VAL B 274 11.65 1.94 -29.94
N PHE B 275 12.71 1.65 -29.21
CA PHE B 275 13.88 2.50 -29.19
C PHE B 275 14.73 2.22 -30.42
N SER B 276 15.21 3.29 -31.05
CA SER B 276 15.87 3.19 -32.34
C SER B 276 17.24 3.82 -32.29
N THR B 277 18.22 3.13 -32.83
CA THR B 277 19.58 3.62 -32.99
C THR B 277 19.90 3.65 -34.48
N GLU B 278 21.18 3.83 -34.79
CA GLU B 278 21.63 3.73 -36.18
C GLU B 278 21.75 2.29 -36.65
N LYS B 279 21.71 1.31 -35.74
CA LYS B 279 21.85 -0.09 -36.14
C LYS B 279 20.86 -1.03 -35.47
N ARG B 280 20.27 -0.68 -34.34
CA ARG B 280 19.37 -1.60 -33.64
C ARG B 280 17.98 -1.01 -33.52
N LEU B 281 17.02 -1.89 -33.22
CA LEU B 281 15.62 -1.52 -33.08
C LEU B 281 15.04 -2.40 -31.98
N VAL B 282 14.92 -1.85 -30.77
CA VAL B 282 14.61 -2.63 -29.59
C VAL B 282 13.17 -2.35 -29.18
N ALA B 283 12.35 -3.39 -29.13
CA ALA B 283 10.95 -3.27 -28.75
C ALA B 283 10.78 -3.69 -27.30
N VAL B 284 10.03 -2.89 -26.55
CA VAL B 284 9.81 -3.14 -25.13
C VAL B 284 8.33 -2.97 -24.83
N ASN B 285 7.75 -3.90 -24.08
CA ASN B 285 6.36 -3.80 -23.68
C ASN B 285 6.16 -3.50 -22.21
N ASN B 286 7.22 -3.54 -21.40
CA ASN B 286 7.10 -3.33 -19.97
C ASN B 286 7.23 -1.84 -19.65
N SER B 287 6.17 -1.26 -19.09
CA SER B 287 6.14 0.19 -18.88
C SER B 287 7.27 0.66 -17.97
N ASP B 288 7.56 -0.10 -16.90
CA ASP B 288 8.64 0.30 -16.01
C ASP B 288 10.00 0.12 -16.66
N ALA B 289 10.17 -0.94 -17.45
CA ALA B 289 11.40 -1.09 -18.20
C ALA B 289 11.58 0.06 -19.18
N ILE B 290 10.49 0.53 -19.78
CA ILE B 290 10.59 1.67 -20.69
C ILE B 290 10.95 2.93 -19.94
N LEU B 291 10.40 3.13 -18.74
CA LEU B 291 10.76 4.31 -17.96
C LEU B 291 12.24 4.32 -17.62
N GLN B 292 12.75 3.18 -17.15
CA GLN B 292 14.17 3.08 -16.83
C GLN B 292 15.02 3.29 -18.07
N MET B 293 14.60 2.73 -19.20
CA MET B 293 15.35 2.93 -20.45
C MET B 293 15.32 4.38 -20.88
N LEU B 294 14.18 5.05 -20.71
CA LEU B 294 14.09 6.47 -21.03
C LEU B 294 15.13 7.25 -20.25
N PHE B 295 15.30 6.93 -18.96
CA PHE B 295 16.35 7.63 -18.21
C PHE B 295 17.75 7.23 -18.69
N TYR B 296 18.02 5.93 -18.82
CA TYR B 296 19.39 5.46 -18.93
C TYR B 296 19.94 5.38 -20.34
N THR B 297 19.13 5.57 -21.38
CA THR B 297 19.63 5.50 -22.74
C THR B 297 20.11 6.84 -23.27
N SER B 298 20.04 7.90 -22.47
CA SER B 298 20.46 9.23 -22.90
C SER B 298 21.48 9.85 -21.96
N GLN B 299 22.08 9.08 -21.06
CA GLN B 299 23.22 9.57 -20.31
C GLN B 299 24.45 9.60 -21.20
N ALA B 300 25.40 10.47 -20.86
CA ALA B 300 26.58 10.68 -21.68
C ALA B 300 27.70 9.73 -21.28
N SER B 301 28.32 9.10 -22.28
CA SER B 301 29.44 8.20 -22.03
C SER B 301 30.66 8.93 -21.50
N ASP B 302 30.96 10.11 -22.04
CA ASP B 302 32.15 10.86 -21.67
C ASP B 302 31.92 12.34 -21.97
N GLU B 303 32.96 13.15 -21.76
CA GLU B 303 32.80 14.60 -21.83
C GLU B 303 32.48 15.07 -23.24
N GLN B 304 33.12 14.47 -24.25
CA GLN B 304 32.83 14.85 -25.64
C GLN B 304 31.36 14.59 -25.96
N GLU B 305 30.89 13.39 -25.68
CA GLU B 305 29.49 13.09 -25.90
C GLU B 305 28.59 13.97 -25.05
N TRP B 306 29.03 14.33 -23.84
CA TRP B 306 28.22 15.23 -23.02
C TRP B 306 28.09 16.59 -23.67
N SER B 307 29.17 17.10 -24.27
CA SER B 307 29.05 18.35 -25.01
C SER B 307 28.09 18.21 -26.18
N LEU B 308 28.05 17.03 -26.80
CA LEU B 308 27.20 16.85 -27.97
C LEU B 308 25.74 16.53 -27.66
N ILE B 309 25.40 16.09 -26.44
CA ILE B 309 24.04 15.60 -26.19
C ILE B 309 22.96 16.66 -26.39
N PRO B 310 23.07 17.88 -25.88
CA PRO B 310 21.96 18.83 -26.06
C PRO B 310 21.61 19.15 -27.51
N PHE B 311 22.58 19.25 -28.42
CA PHE B 311 22.26 19.28 -29.85
C PHE B 311 21.50 18.04 -30.32
N ARG B 312 22.05 16.86 -30.05
CA ARG B 312 21.46 15.65 -30.62
C ARG B 312 20.08 15.40 -30.06
N SER B 313 19.83 15.88 -28.85
CA SER B 313 18.53 15.75 -28.20
C SER B 313 17.43 16.49 -28.95
N ILE B 314 17.79 17.47 -29.76
CA ILE B 314 16.81 18.17 -30.60
C ILE B 314 16.86 17.72 -32.04
N ARG B 315 18.06 17.50 -32.60
CA ARG B 315 18.08 17.00 -33.97
C ARG B 315 17.56 15.57 -34.08
N ASP B 316 17.40 14.86 -32.97
CA ASP B 316 16.82 13.52 -33.03
C ASP B 316 15.30 13.55 -33.04
N HIS B 317 14.69 14.68 -32.70
CA HIS B 317 13.25 14.81 -32.85
C HIS B 317 12.81 14.90 -34.30
N HIS B 318 13.75 15.10 -35.23
CA HIS B 318 13.45 15.16 -36.65
C HIS B 318 14.13 14.04 -37.42
N SER B 319 14.52 12.97 -36.74
CA SER B 319 15.20 11.85 -37.37
C SER B 319 14.25 10.72 -37.73
N TYR B 320 12.95 10.92 -37.56
CA TYR B 320 12.00 9.84 -37.82
C TYR B 320 11.82 9.58 -39.30
N GLU B 321 12.08 10.56 -40.16
CA GLU B 321 12.10 10.31 -41.59
C GLU B 321 13.13 9.23 -41.92
N GLU B 322 14.36 9.42 -41.47
CA GLU B 322 15.39 8.42 -41.72
C GLU B 322 15.09 7.13 -40.97
N LEU B 323 14.47 7.22 -39.80
CA LEU B 323 14.09 6.02 -39.06
C LEU B 323 13.16 5.14 -39.89
N VAL B 324 12.07 5.72 -40.39
CA VAL B 324 11.11 4.91 -41.13
C VAL B 324 11.66 4.50 -42.48
N GLN B 325 12.57 5.28 -43.06
CA GLN B 325 13.17 4.85 -44.32
C GLN B 325 14.13 3.69 -44.14
N SER B 326 14.90 3.68 -43.05
CA SER B 326 15.95 2.68 -42.84
C SER B 326 15.58 1.61 -41.84
N MET B 327 14.31 1.55 -41.41
CA MET B 327 13.88 0.50 -40.50
C MET B 327 14.16 -0.90 -41.04
N GLY B 328 14.09 -1.09 -42.36
CA GLY B 328 14.22 -2.43 -42.91
C GLY B 328 15.58 -3.05 -42.66
N LYS B 329 16.65 -2.26 -42.72
CA LYS B 329 18.00 -2.76 -42.57
C LYS B 329 18.55 -2.57 -41.16
N LYS B 330 17.70 -2.69 -40.15
CA LYS B 330 18.13 -2.62 -38.76
C LYS B 330 17.85 -3.95 -38.08
N LEU B 331 18.81 -4.40 -37.27
CA LEU B 331 18.66 -5.66 -36.54
C LEU B 331 17.64 -5.49 -35.43
N PHE B 332 16.50 -6.16 -35.55
CA PHE B 332 15.44 -6.06 -34.56
C PHE B 332 15.60 -7.13 -33.49
N ASN B 333 15.21 -6.79 -32.27
CA ASN B 333 15.10 -7.78 -31.21
C ASN B 333 14.08 -7.29 -30.18
N HIS B 334 13.56 -8.22 -29.40
CA HIS B 334 12.53 -7.95 -28.41
C HIS B 334 13.13 -8.09 -27.02
N LEU B 335 13.09 -7.01 -26.24
CA LEU B 335 13.76 -7.02 -24.94
C LEU B 335 13.09 -7.97 -23.97
N ASP B 336 11.76 -7.88 -23.83
CA ASP B 336 11.06 -8.72 -22.88
C ASP B 336 11.16 -10.21 -23.23
N GLY B 337 11.39 -10.53 -24.50
CA GLY B 337 11.42 -11.92 -24.93
C GLY B 337 12.74 -12.59 -24.63
N GLU B 338 13.82 -12.06 -25.18
CA GLU B 338 15.14 -12.65 -24.97
C GLU B 338 15.55 -12.52 -23.52
N ASN B 339 16.46 -13.40 -23.10
CA ASN B 339 16.93 -13.41 -21.73
C ASN B 339 18.31 -12.77 -21.55
N SER B 340 19.14 -12.76 -22.59
CA SER B 340 20.46 -12.12 -22.53
C SER B 340 20.26 -10.68 -22.99
N ILE B 341 19.92 -9.81 -22.05
CA ILE B 341 19.60 -8.42 -22.35
C ILE B 341 20.86 -7.58 -22.23
N GLU B 342 21.98 -8.21 -21.90
CA GLU B 342 23.21 -7.47 -21.69
C GLU B 342 23.72 -6.84 -22.99
N SER B 343 23.81 -7.63 -24.06
CA SER B 343 24.36 -7.11 -25.31
C SER B 343 23.46 -6.04 -25.88
N THR B 344 22.15 -6.26 -25.85
CA THR B 344 21.21 -5.27 -26.37
C THR B 344 21.35 -3.95 -25.65
N LEU B 345 21.30 -3.96 -24.32
CA LEU B 345 21.34 -2.71 -23.58
C LEU B 345 22.71 -2.05 -23.68
N ASN B 346 23.79 -2.82 -23.77
CA ASN B 346 25.10 -2.22 -23.95
C ASN B 346 25.19 -1.51 -25.29
N ASP B 347 24.64 -2.11 -26.34
CA ASP B 347 24.67 -1.45 -27.64
C ASP B 347 23.82 -0.18 -27.61
N LEU B 348 22.77 -0.14 -26.81
CA LEU B 348 21.94 1.05 -26.68
C LEU B 348 22.48 2.06 -25.70
N GLY B 349 23.66 1.82 -25.13
CA GLY B 349 24.31 2.80 -24.28
C GLY B 349 23.81 2.86 -22.85
N VAL B 350 23.31 1.77 -22.31
CA VAL B 350 22.92 1.70 -20.91
C VAL B 350 24.10 1.21 -20.09
N SER B 351 24.30 1.81 -18.92
CA SER B 351 25.41 1.44 -18.04
C SER B 351 25.04 0.23 -17.19
N THR B 352 26.00 -0.24 -16.40
CA THR B 352 25.80 -1.44 -15.60
C THR B 352 24.70 -1.24 -14.55
N ARG B 353 24.69 -0.07 -13.90
CA ARG B 353 23.63 0.21 -12.93
C ARG B 353 22.27 0.32 -13.61
N GLY B 354 22.22 1.01 -14.75
CA GLY B 354 20.99 1.06 -15.51
C GLY B 354 20.53 -0.31 -15.94
N ARG B 355 21.48 -1.17 -16.32
CA ARG B 355 21.13 -2.54 -16.67
C ARG B 355 20.56 -3.28 -15.47
N GLN B 356 21.13 -3.05 -14.28
CA GLN B 356 20.58 -3.67 -13.08
C GLN B 356 19.13 -3.26 -12.88
N TYR B 357 18.82 -1.98 -13.06
CA TYR B 357 17.46 -1.53 -12.76
C TYR B 357 16.45 -1.96 -13.84
N VAL B 358 16.86 -1.97 -15.10
CA VAL B 358 16.00 -2.52 -16.16
C VAL B 358 15.73 -4.00 -15.90
N GLN B 359 16.77 -4.74 -15.55
CA GLN B 359 16.62 -6.15 -15.23
C GLN B 359 15.69 -6.35 -14.05
N ALA B 360 15.77 -5.47 -13.06
CA ALA B 360 14.86 -5.55 -11.92
C ALA B 360 13.41 -5.36 -12.36
N ALA B 361 13.17 -4.43 -13.27
CA ALA B 361 11.80 -4.23 -13.77
C ALA B 361 11.29 -5.48 -14.47
N LEU B 362 12.10 -6.07 -15.34
CA LEU B 362 11.68 -7.27 -16.05
C LEU B 362 11.44 -8.44 -15.08
N GLU B 363 12.31 -8.60 -14.08
CA GLU B 363 12.15 -9.69 -13.13
C GLU B 363 10.94 -9.48 -12.25
N GLU B 364 10.58 -8.23 -11.96
CA GLU B 364 9.33 -7.99 -11.23
C GLU B 364 8.13 -8.41 -12.07
N GLU B 365 8.19 -8.17 -13.38
CA GLU B 365 7.12 -8.68 -14.24
C GLU B 365 7.03 -10.20 -14.17
N LYS B 366 8.18 -10.88 -14.24
CA LYS B 366 8.16 -12.34 -14.17
C LYS B 366 7.64 -12.83 -12.82
N LYS B 367 7.98 -12.12 -11.74
CA LYS B 367 7.44 -12.46 -10.44
C LYS B 367 5.92 -12.35 -10.43
N ARG B 368 5.38 -11.33 -11.08
CA ARG B 368 3.92 -11.21 -11.18
C ARG B 368 3.33 -12.41 -11.91
N VAL B 369 3.95 -12.83 -13.00
CA VAL B 369 3.43 -13.97 -13.75
C VAL B 369 3.45 -15.24 -12.90
N GLU B 370 4.55 -15.46 -12.17
CA GLU B 370 4.63 -16.65 -11.33
C GLU B 370 3.65 -16.58 -10.15
N ASN B 371 3.39 -15.39 -9.61
CA ASN B 371 2.37 -15.27 -8.57
C ASN B 371 1.00 -15.66 -9.11
N GLN B 372 0.70 -15.24 -10.34
CA GLN B 372 -0.56 -15.66 -10.96
C GLN B 372 -0.61 -17.18 -11.12
N LYS B 373 0.50 -17.78 -11.53
CA LYS B 373 0.53 -19.25 -11.66
C LYS B 373 0.25 -19.92 -10.33
N LYS B 374 0.86 -19.41 -9.25
CA LYS B 374 0.62 -19.99 -7.93
C LYS B 374 -0.84 -19.86 -7.52
N ILE B 375 -1.45 -18.70 -7.81
CA ILE B 375 -2.85 -18.50 -7.45
C ILE B 375 -3.74 -19.48 -8.20
N ILE B 376 -3.48 -19.66 -9.49
CA ILE B 376 -4.28 -20.58 -10.29
C ILE B 376 -4.12 -22.00 -9.77
N GLN B 377 -2.89 -22.39 -9.44
CA GLN B 377 -2.66 -23.72 -8.90
C GLN B 377 -3.38 -23.92 -7.57
N VAL B 378 -3.41 -22.88 -6.72
CA VAL B 378 -4.12 -23.01 -5.46
C VAL B 378 -5.62 -23.17 -5.69
N ILE B 379 -6.20 -22.34 -6.55
CA ILE B 379 -7.69 -22.39 -6.73
C ILE B 379 -8.07 -23.61 -7.58
N GLU B 380 -7.07 -24.36 -8.07
CA GLU B 380 -7.35 -25.60 -8.84
C GLU B 380 -7.33 -26.79 -7.88
N GLN B 381 -6.62 -26.68 -6.76
CA GLN B 381 -6.49 -27.81 -5.81
C GLN B 381 -7.88 -28.28 -5.37
N GLU B 382 -8.10 -29.60 -5.38
CA GLU B 382 -9.43 -30.16 -5.02
C GLU B 382 -9.75 -29.80 -3.56
N ARG B 383 -8.75 -29.74 -2.69
CA ARG B 383 -9.00 -29.36 -1.30
C ARG B 383 -9.75 -28.03 -1.23
N PHE B 384 -9.38 -27.09 -2.10
CA PHE B 384 -10.07 -25.81 -2.13
C PHE B 384 -11.45 -25.92 -2.77
N LEU B 385 -11.54 -26.64 -3.89
CA LEU B 385 -12.80 -26.77 -4.60
C LEU B 385 -13.84 -27.50 -3.76
N LYS B 386 -13.39 -28.45 -2.94
CA LYS B 386 -14.27 -29.22 -2.09
C LYS B 386 -15.01 -28.37 -1.07
N LYS B 387 -14.44 -27.25 -0.62
CA LYS B 387 -15.15 -26.38 0.29
C LYS B 387 -16.39 -25.78 -0.36
N LEU B 388 -16.21 -25.21 -1.55
CA LEU B 388 -17.35 -24.66 -2.28
C LEU B 388 -18.35 -25.74 -2.62
N ALA B 389 -17.86 -26.90 -3.06
CA ALA B 389 -18.76 -28.01 -3.39
C ALA B 389 -19.57 -28.44 -2.18
N TRP B 390 -18.93 -28.53 -1.02
CA TRP B 390 -19.63 -28.94 0.19
C TRP B 390 -20.67 -27.92 0.60
N ILE B 391 -20.35 -26.63 0.47
CA ILE B 391 -21.36 -25.62 0.79
C ILE B 391 -22.52 -25.69 -0.18
N GLU B 392 -22.28 -25.99 -1.45
CA GLU B 392 -23.38 -26.08 -2.40
C GLU B 392 -24.25 -27.32 -2.17
N ASP B 393 -23.63 -28.46 -1.89
CA ASP B 393 -24.31 -29.74 -2.03
C ASP B 393 -24.78 -30.35 -0.72
N GLU B 394 -24.02 -30.22 0.36
CA GLU B 394 -24.44 -30.78 1.64
C GLU B 394 -25.01 -29.76 2.60
N TYR B 395 -24.50 -28.53 2.64
CA TYR B 395 -24.98 -27.56 3.60
C TYR B 395 -26.33 -26.98 3.18
N LYS B 396 -26.40 -26.44 1.97
CA LYS B 396 -27.62 -25.76 1.53
C LYS B 396 -28.84 -26.69 1.47
N PRO B 397 -28.77 -27.87 0.85
CA PRO B 397 -29.97 -28.72 0.83
C PRO B 397 -30.44 -29.15 2.21
N LYS B 398 -29.51 -29.46 3.12
CA LYS B 398 -29.92 -29.84 4.47
C LYS B 398 -30.51 -28.67 5.22
N CYS B 399 -29.96 -27.47 5.06
CA CYS B 399 -30.49 -26.31 5.75
C CYS B 399 -31.81 -25.84 5.16
N GLN B 400 -32.10 -26.15 3.90
CA GLN B 400 -33.42 -25.86 3.39
C GLN B 400 -34.40 -27.01 3.62
N ALA B 401 -33.90 -28.20 3.97
CA ALA B 401 -34.79 -29.25 4.45
C ALA B 401 -35.26 -28.99 5.87
N HIS B 402 -34.44 -28.32 6.68
CA HIS B 402 -34.89 -27.89 8.00
C HIS B 402 -35.88 -26.75 7.95
N LYS B 403 -36.18 -26.23 6.75
CA LYS B 403 -37.25 -25.25 6.57
C LYS B 403 -36.90 -23.90 7.17
N ASN B 404 -35.60 -23.56 7.17
CA ASN B 404 -35.19 -22.24 7.64
C ASN B 404 -34.15 -21.55 6.77
N GLY B 405 -33.47 -22.25 5.88
CA GLY B 405 -32.47 -21.60 5.04
C GLY B 405 -31.10 -21.55 5.68
N TYR B 406 -30.05 -21.60 4.87
CA TYR B 406 -28.72 -21.74 5.47
C TYR B 406 -28.27 -20.44 6.13
N TYR B 407 -28.77 -19.30 5.68
CA TYR B 407 -28.48 -18.06 6.38
C TYR B 407 -28.95 -18.12 7.83
N ASP B 408 -30.21 -18.50 8.05
CA ASP B 408 -30.72 -18.57 9.41
C ASP B 408 -30.07 -19.69 10.19
N SER B 409 -29.82 -20.84 9.56
CA SER B 409 -29.16 -21.93 10.26
C SER B 409 -27.77 -21.52 10.73
N PHE B 410 -27.01 -20.85 9.86
CA PHE B 410 -25.68 -20.39 10.23
C PHE B 410 -25.75 -19.35 11.33
N LYS B 411 -26.69 -18.41 11.23
CA LYS B 411 -26.75 -17.31 12.17
C LYS B 411 -27.22 -17.75 13.56
N VAL B 412 -28.09 -18.76 13.63
CA VAL B 412 -28.69 -19.13 14.95
C VAL B 412 -28.20 -20.51 15.43
N SER B 413 -28.58 -21.59 14.75
CA SER B 413 -28.27 -22.96 15.26
C SER B 413 -26.77 -23.23 15.40
N ASN B 414 -26.41 -24.20 16.26
CA ASN B 414 -24.99 -24.53 16.52
C ASN B 414 -24.72 -25.99 16.15
N GLU B 415 -25.13 -26.42 14.96
CA GLU B 415 -24.89 -27.82 14.51
C GLU B 415 -23.40 -28.01 14.20
N GLU B 416 -22.92 -29.25 14.23
CA GLU B 416 -21.52 -29.50 13.83
C GLU B 416 -21.37 -29.04 12.38
N ASN B 417 -22.47 -29.13 11.60
CA ASN B 417 -22.44 -28.70 10.21
C ASN B 417 -22.24 -27.19 10.11
N ASP B 418 -22.90 -26.44 11.00
CA ASP B 418 -22.71 -25.00 11.03
C ASP B 418 -21.26 -24.64 11.38
N PHE B 419 -20.67 -25.37 12.33
CA PHE B 419 -19.29 -25.09 12.71
C PHE B 419 -18.34 -25.32 11.54
N LYS B 420 -18.50 -26.44 10.84
CA LYS B 420 -17.57 -26.68 9.73
C LYS B 420 -17.85 -25.73 8.57
N ALA B 421 -19.09 -25.29 8.41
CA ALA B 421 -19.35 -24.23 7.45
C ALA B 421 -18.63 -22.94 7.82
N ASN B 422 -18.62 -22.61 9.11
CA ASN B 422 -17.89 -21.42 9.57
C ASN B 422 -16.40 -21.57 9.31
N VAL B 423 -15.86 -22.76 9.56
CA VAL B 423 -14.43 -23.01 9.33
C VAL B 423 -14.09 -22.87 7.85
N LYS B 424 -14.91 -23.47 6.98
CA LYS B 424 -14.67 -23.35 5.54
C LYS B 424 -14.79 -21.91 5.09
N ARG B 425 -15.75 -21.17 5.66
CA ARG B 425 -15.90 -19.75 5.35
C ARG B 425 -14.62 -19.00 5.69
N ALA B 426 -14.06 -19.27 6.87
CA ALA B 426 -12.83 -18.59 7.29
C ALA B 426 -11.67 -18.93 6.36
N GLU B 427 -11.53 -20.21 5.98
CA GLU B 427 -10.40 -20.59 5.14
C GLU B 427 -10.53 -19.99 3.73
N LEU B 428 -11.73 -20.01 3.16
CA LEU B 428 -11.93 -19.38 1.85
C LEU B 428 -11.67 -17.88 1.92
N ALA B 429 -12.14 -17.24 2.99
CA ALA B 429 -11.85 -15.82 3.17
C ALA B 429 -10.35 -15.58 3.24
N GLY B 430 -9.62 -16.50 3.86
CA GLY B 430 -8.17 -16.36 3.89
C GLY B 430 -7.56 -16.41 2.50
N VAL B 431 -7.98 -17.37 1.69
CA VAL B 431 -7.44 -17.48 0.33
C VAL B 431 -7.74 -16.21 -0.46
N PHE B 432 -8.97 -15.72 -0.37
CA PHE B 432 -9.35 -14.58 -1.20
C PHE B 432 -8.76 -13.27 -0.68
N ASP B 433 -8.61 -13.13 0.63
CA ASP B 433 -7.89 -11.97 1.15
C ASP B 433 -6.42 -11.99 0.75
N GLU B 434 -5.81 -13.17 0.66
CA GLU B 434 -4.44 -13.25 0.18
C GLU B 434 -4.33 -12.80 -1.27
N VAL B 435 -5.25 -13.26 -2.12
CA VAL B 435 -5.23 -12.82 -3.52
C VAL B 435 -5.46 -11.31 -3.60
N LEU B 436 -6.37 -10.79 -2.78
CA LEU B 436 -6.61 -9.34 -2.77
C LEU B 436 -5.36 -8.58 -2.35
N GLY B 437 -4.66 -9.07 -1.32
CA GLY B 437 -3.43 -8.43 -0.90
C GLY B 437 -2.39 -8.42 -2.01
N LEU B 438 -2.33 -9.50 -2.79
CA LEU B 438 -1.45 -9.49 -3.95
C LEU B 438 -1.88 -8.44 -4.97
N MET B 439 -3.18 -8.31 -5.22
CA MET B 439 -3.65 -7.30 -6.17
C MET B 439 -3.27 -5.89 -5.72
N LYS B 440 -3.50 -5.57 -4.44
CA LYS B 440 -3.27 -4.21 -3.99
C LYS B 440 -1.80 -3.81 -4.11
N LYS B 441 -0.89 -4.72 -3.79
CA LYS B 441 0.54 -4.48 -3.93
C LYS B 441 1.00 -4.52 -5.38
N CYS B 442 0.07 -4.62 -6.33
CA CYS B 442 0.39 -4.71 -7.75
C CYS B 442 1.35 -5.87 -8.03
N GLN B 443 1.08 -7.00 -7.40
CA GLN B 443 1.93 -8.17 -7.54
C GLN B 443 1.42 -9.19 -8.56
N LEU B 444 0.26 -8.96 -9.16
CA LEU B 444 -0.29 -9.84 -10.16
C LEU B 444 -0.34 -9.14 -11.51
N PRO B 445 -0.37 -9.89 -12.61
CA PRO B 445 -0.38 -9.25 -13.94
C PRO B 445 -1.59 -8.35 -14.13
N ASP B 446 -1.49 -7.48 -15.13
CA ASP B 446 -2.51 -6.45 -15.33
C ASP B 446 -3.88 -7.04 -15.60
N GLU B 447 -3.95 -8.11 -16.41
CA GLU B 447 -5.23 -8.64 -16.82
C GLU B 447 -5.81 -9.66 -15.85
N PHE B 448 -5.25 -9.80 -14.66
CA PHE B 448 -5.82 -10.74 -13.69
C PHE B 448 -7.25 -10.36 -13.32
N GLU B 449 -7.50 -9.07 -13.11
CA GLU B 449 -8.87 -8.62 -12.86
C GLU B 449 -9.80 -8.87 -14.03
N GLY B 450 -9.27 -9.10 -15.23
CA GLY B 450 -10.09 -9.38 -16.39
C GLY B 450 -10.18 -10.84 -16.76
N ASP B 451 -9.55 -11.73 -16.00
CA ASP B 451 -9.55 -13.14 -16.33
C ASP B 451 -10.94 -13.73 -16.20
N ILE B 452 -11.32 -14.56 -17.17
CA ILE B 452 -12.63 -15.19 -17.12
C ILE B 452 -12.71 -16.24 -16.02
N ASP B 453 -11.68 -17.07 -15.87
CA ASP B 453 -11.73 -18.12 -14.84
C ASP B 453 -11.77 -17.51 -13.45
N TRP B 454 -10.94 -16.49 -13.20
CA TRP B 454 -10.96 -15.85 -11.90
C TRP B 454 -12.30 -15.17 -11.64
N ILE B 455 -12.87 -14.51 -12.66
CA ILE B 455 -14.15 -13.84 -12.45
C ILE B 455 -15.24 -14.84 -12.13
N LYS B 456 -15.29 -15.95 -12.87
CA LYS B 456 -16.28 -16.99 -12.59
C LYS B 456 -16.12 -17.52 -11.17
N LEU B 457 -14.89 -17.86 -10.79
CA LEU B 457 -14.69 -18.47 -9.48
C LEU B 457 -14.97 -17.48 -8.36
N ALA B 458 -14.56 -16.23 -8.52
CA ALA B 458 -14.81 -15.21 -7.51
C ALA B 458 -16.28 -14.90 -7.38
N THR B 459 -17.01 -14.84 -8.50
CA THR B 459 -18.45 -14.64 -8.44
C THR B 459 -19.14 -15.79 -7.76
N ARG B 460 -18.73 -17.03 -8.07
CA ARG B 460 -19.28 -18.19 -7.40
C ARG B 460 -19.04 -18.12 -5.90
N TYR B 461 -17.81 -17.80 -5.50
CA TYR B 461 -17.49 -17.70 -4.08
C TYR B 461 -18.30 -16.60 -3.40
N ARG B 462 -18.42 -15.43 -4.05
CA ARG B 462 -19.17 -14.34 -3.45
C ARG B 462 -20.62 -14.72 -3.26
N ARG B 463 -21.27 -15.19 -4.32
CA ARG B 463 -22.68 -15.56 -4.22
C ARG B 463 -22.90 -16.65 -3.20
N LEU B 464 -21.96 -17.59 -3.07
CA LEU B 464 -22.14 -18.68 -2.12
C LEU B 464 -21.92 -18.24 -0.68
N VAL B 465 -20.90 -17.43 -0.41
CA VAL B 465 -20.38 -17.27 0.93
C VAL B 465 -20.68 -15.91 1.54
N GLU B 466 -20.86 -14.86 0.74
CA GLU B 466 -21.20 -13.56 1.32
C GLU B 466 -22.41 -13.61 2.23
N PRO B 467 -23.49 -14.35 1.93
CA PRO B 467 -24.54 -14.50 2.94
C PRO B 467 -24.04 -15.06 4.25
N LEU B 468 -23.09 -15.99 4.20
CA LEU B 468 -22.49 -16.51 5.44
C LEU B 468 -21.72 -15.43 6.17
N ASP B 469 -20.99 -14.58 5.45
CA ASP B 469 -20.26 -13.50 6.10
C ASP B 469 -21.20 -12.48 6.73
N ILE B 470 -22.33 -12.20 6.09
CA ILE B 470 -23.30 -11.30 6.70
C ILE B 470 -23.94 -11.93 7.92
N ALA B 471 -24.22 -13.24 7.85
CA ALA B 471 -24.72 -13.95 9.02
C ALA B 471 -23.71 -13.93 10.15
N ASN B 472 -22.42 -14.04 9.83
CA ASN B 472 -21.38 -13.92 10.85
C ASN B 472 -21.36 -12.51 11.45
N TYR B 473 -21.37 -11.50 10.58
CA TYR B 473 -21.35 -10.12 11.02
C TYR B 473 -22.51 -9.81 11.96
N HIS B 474 -23.67 -10.42 11.74
CA HIS B 474 -24.81 -10.14 12.60
C HIS B 474 -24.94 -11.10 13.77
N ARG B 475 -24.35 -12.28 13.69
CA ARG B 475 -24.36 -13.20 14.82
C ARG B 475 -23.51 -12.68 15.97
N HIS B 476 -22.44 -11.96 15.65
CA HIS B 476 -21.56 -11.37 16.65
C HIS B 476 -21.94 -9.92 16.97
N LEU B 477 -23.07 -9.44 16.45
CA LEU B 477 -23.67 -8.18 16.85
C LEU B 477 -22.78 -6.99 16.50
N LYS B 478 -22.07 -7.07 15.38
CA LYS B 478 -21.23 -5.96 14.96
C LYS B 478 -22.04 -4.72 14.61
N ASN B 479 -23.25 -4.91 14.07
CA ASN B 479 -24.08 -3.79 13.65
C ASN B 479 -24.50 -2.90 14.81
N GLU B 480 -24.36 -3.36 16.05
CA GLU B 480 -24.63 -2.52 17.21
C GLU B 480 -23.44 -1.66 17.61
N ASP B 481 -22.24 -1.97 17.15
CA ASP B 481 -21.05 -1.16 17.46
C ASP B 481 -20.32 -0.68 16.22
N THR B 482 -20.16 -1.52 15.21
CA THR B 482 -19.41 -1.15 14.02
C THR B 482 -20.28 -0.50 12.94
N GLY B 483 -21.60 -0.50 13.13
CA GLY B 483 -22.50 0.13 12.19
C GLY B 483 -22.96 -0.80 11.09
N PRO B 484 -23.77 -0.28 10.17
CA PRO B 484 -24.35 -1.12 9.11
C PRO B 484 -23.28 -1.80 8.28
N TYR B 485 -23.57 -3.04 7.89
CA TYR B 485 -22.60 -3.86 7.19
C TYR B 485 -22.19 -3.22 5.86
N MET B 486 -23.16 -2.71 5.11
CA MET B 486 -22.87 -2.10 3.82
C MET B 486 -22.10 -0.79 3.93
N LYS B 487 -21.96 -0.24 5.13
CA LYS B 487 -21.24 1.02 5.29
C LYS B 487 -19.78 0.79 5.66
N ARG B 488 -19.53 0.11 6.79
CA ARG B 488 -18.18 -0.06 7.30
C ARG B 488 -17.79 -1.50 7.59
N GLY B 489 -18.62 -2.49 7.27
CA GLY B 489 -18.31 -3.85 7.65
C GLY B 489 -18.04 -4.78 6.48
N ARG B 490 -18.35 -4.35 5.28
CA ARG B 490 -18.23 -5.23 4.12
C ARG B 490 -16.77 -5.52 3.80
N PRO B 491 -16.30 -6.79 3.63
CA PRO B 491 -14.91 -7.06 3.21
C PRO B 491 -14.57 -6.46 1.83
N THR B 492 -13.34 -5.96 1.65
CA THR B 492 -12.94 -5.31 0.37
C THR B 492 -12.95 -6.32 -0.77
N ARG B 493 -12.56 -7.57 -0.53
CA ARG B 493 -12.49 -8.59 -1.60
C ARG B 493 -13.87 -8.79 -2.23
N TYR B 494 -14.95 -8.66 -1.45
CA TYR B 494 -16.32 -8.85 -1.97
C TYR B 494 -16.66 -7.71 -2.93
N ILE B 495 -16.37 -6.48 -2.53
CA ILE B 495 -16.59 -5.32 -3.44
C ILE B 495 -15.75 -5.56 -4.71
N TYR B 496 -14.49 -5.93 -4.55
CA TYR B 496 -13.58 -6.18 -5.71
C TYR B 496 -14.23 -7.20 -6.66
N ALA B 497 -14.66 -8.36 -6.14
CA ALA B 497 -15.26 -9.41 -6.98
C ALA B 497 -16.51 -8.88 -7.68
N GLN B 498 -17.41 -8.24 -6.92
CA GLN B 498 -18.64 -7.64 -7.49
C GLN B 498 -18.25 -6.69 -8.62
N ARG B 499 -17.26 -5.81 -8.40
CA ARG B 499 -16.90 -4.84 -9.42
C ARG B 499 -16.32 -5.51 -10.65
N GLY B 500 -15.52 -6.55 -10.47
CA GLY B 500 -14.99 -7.27 -11.61
C GLY B 500 -16.08 -7.93 -12.44
N TYR B 501 -17.03 -8.58 -11.78
CA TYR B 501 -18.13 -9.20 -12.52
C TYR B 501 -19.01 -8.16 -13.20
N GLU B 502 -19.32 -7.06 -12.52
CA GLU B 502 -20.14 -6.02 -13.10
C GLU B 502 -19.47 -5.41 -14.32
N HIS B 503 -18.17 -5.12 -14.21
CA HIS B 503 -17.44 -4.62 -15.38
C HIS B 503 -17.50 -5.62 -16.51
N TYR B 504 -17.25 -6.90 -16.20
CA TYR B 504 -17.22 -7.91 -17.26
C TYR B 504 -18.54 -7.98 -18.01
N ILE B 505 -19.66 -7.92 -17.29
CA ILE B 505 -20.93 -8.10 -17.99
C ILE B 505 -21.40 -6.80 -18.65
N LEU B 506 -21.21 -5.65 -17.99
CA LEU B 506 -21.79 -4.41 -18.50
C LEU B 506 -20.89 -3.64 -19.45
N LYS B 507 -19.62 -4.02 -19.58
CA LYS B 507 -18.74 -3.23 -20.44
C LYS B 507 -19.09 -3.32 -21.93
N PRO B 508 -19.66 -4.42 -22.44
CA PRO B 508 -20.09 -4.40 -23.85
C PRO B 508 -21.16 -3.35 -24.16
N ASN B 509 -22.01 -3.02 -23.19
CA ASN B 509 -23.06 -2.03 -23.41
C ASN B 509 -22.63 -0.62 -23.05
N GLY B 510 -21.37 -0.43 -22.67
CA GLY B 510 -20.86 0.91 -22.41
C GLY B 510 -21.57 1.64 -21.29
N MET B 511 -21.94 0.96 -20.22
CA MET B 511 -22.63 1.58 -19.11
C MET B 511 -21.90 1.26 -17.81
N ILE B 512 -22.02 2.16 -16.85
CA ILE B 512 -21.43 2.01 -15.54
C ILE B 512 -22.48 1.41 -14.61
N ALA B 513 -22.06 0.46 -13.78
CA ALA B 513 -23.01 -0.35 -13.03
C ALA B 513 -23.92 0.50 -12.14
N GLU B 514 -23.35 1.50 -11.46
CA GLU B 514 -24.19 2.37 -10.65
C GLU B 514 -25.15 3.19 -11.51
N ASP B 515 -24.74 3.58 -12.72
CA ASP B 515 -25.67 4.25 -13.62
C ASP B 515 -26.82 3.33 -14.01
N VAL B 516 -26.53 2.04 -14.25
CA VAL B 516 -27.59 1.08 -14.56
C VAL B 516 -28.52 0.92 -13.37
N PHE B 517 -27.96 0.88 -12.16
CA PHE B 517 -28.79 0.80 -10.96
C PHE B 517 -29.70 2.01 -10.84
N TRP B 518 -29.17 3.21 -11.10
CA TRP B 518 -29.98 4.41 -11.02
C TRP B 518 -31.06 4.43 -12.09
N ASN B 519 -30.74 3.96 -13.29
CA ASN B 519 -31.75 3.85 -14.32
C ASN B 519 -32.86 2.90 -13.90
N LYS B 520 -32.51 1.75 -13.31
CA LYS B 520 -33.54 0.81 -12.89
C LYS B 520 -34.41 1.36 -11.78
N VAL B 521 -33.81 2.03 -10.79
CA VAL B 521 -34.62 2.57 -9.70
C VAL B 521 -35.50 3.71 -10.21
N ASN B 522 -35.01 4.53 -11.14
CA ASN B 522 -35.87 5.54 -11.75
C ASN B 522 -37.01 4.88 -12.53
N GLY B 523 -36.73 3.76 -13.18
CA GLY B 523 -37.77 3.02 -13.86
C GLY B 523 -38.79 2.39 -12.92
N LEU B 524 -38.39 2.12 -11.67
CA LEU B 524 -39.35 1.64 -10.70
C LEU B 524 -40.43 2.68 -10.39
N ASN B 525 -40.15 3.96 -10.66
CA ASN B 525 -41.11 5.05 -10.48
C ASN B 525 -41.59 5.12 -9.03
N LEU B 526 -40.62 5.39 -8.15
CA LEU B 526 -40.91 5.52 -6.73
C LEU B 526 -41.79 6.74 -6.48
N GLY B 527 -42.27 6.87 -5.26
CA GLY B 527 -43.10 7.99 -4.87
C GLY B 527 -42.33 9.23 -4.47
N LEU B 528 -41.00 9.20 -4.55
CA LEU B 528 -40.14 10.30 -4.16
C LEU B 528 -39.26 10.68 -5.34
N GLN B 529 -38.88 11.96 -5.41
CA GLN B 529 -38.11 12.44 -6.55
C GLN B 529 -36.62 12.18 -6.35
N LEU B 530 -35.82 12.66 -7.30
CA LEU B 530 -34.44 12.21 -7.46
C LEU B 530 -33.57 12.46 -6.25
N GLU B 531 -33.67 13.65 -5.65
CA GLU B 531 -32.72 14.03 -4.61
C GLU B 531 -32.87 13.16 -3.36
N GLU B 532 -34.08 13.03 -2.84
CA GLU B 532 -34.22 12.24 -1.62
C GLU B 532 -34.15 10.74 -1.86
N ILE B 533 -34.43 10.24 -3.07
CA ILE B 533 -34.19 8.82 -3.32
C ILE B 533 -32.69 8.55 -3.38
N GLN B 534 -31.94 9.44 -4.01
CA GLN B 534 -30.48 9.30 -4.00
C GLN B 534 -29.92 9.43 -2.59
N GLU B 535 -30.56 10.26 -1.75
CA GLU B 535 -30.11 10.43 -0.38
C GLU B 535 -30.49 9.25 0.51
N THR B 536 -31.63 8.61 0.25
CA THR B 536 -32.03 7.46 1.07
C THR B 536 -31.31 6.19 0.66
N LEU B 537 -30.94 6.05 -0.61
CA LEU B 537 -30.23 4.87 -1.09
C LEU B 537 -28.72 4.98 -0.91
N LYS B 538 -28.26 5.87 -0.03
CA LYS B 538 -26.87 5.86 0.38
C LYS B 538 -26.58 4.56 1.14
N ASN B 539 -25.41 3.97 0.84
CA ASN B 539 -24.94 2.70 1.39
C ASN B 539 -26.07 1.69 1.56
N SER B 540 -26.95 1.60 0.58
CA SER B 540 -28.02 0.62 0.62
C SER B 540 -27.52 -0.73 0.12
N GLY B 541 -28.19 -1.79 0.58
CA GLY B 541 -27.79 -3.13 0.23
C GLY B 541 -28.47 -3.63 -1.01
N SER B 542 -29.05 -2.72 -1.79
CA SER B 542 -29.77 -3.06 -3.00
C SER B 542 -28.94 -2.87 -4.26
N GLU B 543 -27.69 -2.41 -4.12
CA GLU B 543 -26.83 -2.28 -5.29
C GLU B 543 -26.12 -3.57 -5.67
N CYS B 544 -26.14 -4.57 -4.79
CA CYS B 544 -25.55 -5.88 -5.07
C CYS B 544 -26.51 -6.97 -4.62
N GLY B 545 -26.64 -8.01 -5.44
CA GLY B 545 -27.51 -9.11 -5.08
C GLY B 545 -27.01 -9.90 -3.89
N SER B 546 -25.71 -10.20 -3.85
CA SER B 546 -25.15 -11.00 -2.77
C SER B 546 -25.23 -10.30 -1.42
N CYS B 547 -25.54 -9.01 -1.38
CA CYS B 547 -25.71 -8.29 -0.13
C CYS B 547 -27.18 -8.19 0.28
N PHE B 548 -28.07 -8.91 -0.40
CA PHE B 548 -29.49 -8.93 -0.09
C PHE B 548 -29.75 -8.99 1.41
N TRP B 549 -29.21 -10.02 2.07
CA TRP B 549 -29.48 -10.23 3.48
C TRP B 549 -29.06 -9.03 4.31
N ALA B 550 -27.92 -8.41 3.97
CA ALA B 550 -27.50 -7.22 4.69
C ALA B 550 -28.62 -6.20 4.73
N GLU B 551 -29.17 -5.87 3.55
CA GLU B 551 -30.25 -4.90 3.50
C GLU B 551 -31.43 -5.34 4.34
N VAL B 552 -31.71 -6.66 4.34
CA VAL B 552 -32.83 -7.15 5.14
C VAL B 552 -32.61 -6.85 6.61
N GLU B 553 -31.38 -7.05 7.10
CA GLU B 553 -31.12 -6.78 8.50
C GLU B 553 -31.20 -5.30 8.82
N GLU B 554 -31.15 -4.44 7.81
CA GLU B 554 -31.34 -3.01 8.04
C GLU B 554 -32.80 -2.60 8.01
N LEU B 555 -33.69 -3.49 7.60
CA LEU B 555 -35.08 -3.13 7.40
C LEU B 555 -36.04 -3.79 8.36
N LYS B 556 -35.63 -4.86 9.05
CA LYS B 556 -36.58 -5.62 9.85
C LYS B 556 -36.86 -5.00 11.20
N GLY B 557 -36.12 -3.97 11.60
CA GLY B 557 -36.35 -3.36 12.90
C GLY B 557 -36.95 -1.97 12.86
N LYS B 558 -37.21 -1.47 11.66
CA LYS B 558 -37.59 -0.08 11.49
C LYS B 558 -39.06 0.05 11.10
N PRO B 559 -39.69 1.18 11.41
CA PRO B 559 -41.07 1.39 10.99
C PRO B 559 -41.17 1.51 9.47
N TYR B 560 -42.35 1.17 8.95
CA TYR B 560 -42.52 1.02 7.51
C TYR B 560 -42.28 2.34 6.78
N GLU B 561 -42.92 3.42 7.23
CA GLU B 561 -42.86 4.68 6.48
C GLU B 561 -41.46 5.26 6.40
N GLU B 562 -40.56 4.88 7.30
CA GLU B 562 -39.18 5.31 7.19
C GLU B 562 -38.42 4.56 6.10
N VAL B 563 -38.82 3.32 5.84
CA VAL B 563 -38.08 2.44 4.94
C VAL B 563 -38.91 2.05 3.71
N GLU B 564 -39.94 2.83 3.39
CA GLU B 564 -40.82 2.47 2.28
C GLU B 564 -40.06 2.43 0.96
N VAL B 565 -39.26 3.46 0.70
CA VAL B 565 -38.54 3.53 -0.58
C VAL B 565 -37.51 2.41 -0.66
N ARG B 566 -36.84 2.12 0.45
CA ARG B 566 -35.86 1.03 0.47
C ARG B 566 -36.53 -0.31 0.23
N VAL B 567 -37.69 -0.53 0.85
CA VAL B 567 -38.40 -1.79 0.67
C VAL B 567 -38.85 -1.95 -0.78
N LYS B 568 -39.36 -0.86 -1.38
CA LYS B 568 -39.77 -0.94 -2.78
C LYS B 568 -38.57 -1.20 -3.69
N THR B 569 -37.42 -0.61 -3.37
CA THR B 569 -36.22 -0.89 -4.16
C THR B 569 -35.83 -2.36 -4.05
N LEU B 570 -35.89 -2.92 -2.84
CA LEU B 570 -35.59 -4.33 -2.66
C LEU B 570 -36.55 -5.21 -3.46
N GLU B 571 -37.85 -4.91 -3.37
CA GLU B 571 -38.84 -5.61 -4.16
C GLU B 571 -38.50 -5.57 -5.64
N GLY B 572 -38.18 -4.38 -6.16
CA GLY B 572 -37.87 -4.27 -7.57
C GLY B 572 -36.64 -5.06 -7.97
N MET B 573 -35.61 -5.07 -7.14
CA MET B 573 -34.39 -5.77 -7.53
C MET B 573 -34.51 -7.29 -7.39
N LEU B 574 -35.43 -7.78 -6.56
CA LEU B 574 -35.48 -9.21 -6.28
C LEU B 574 -35.72 -10.05 -7.53
N GLY B 575 -36.58 -9.60 -8.44
CA GLY B 575 -36.89 -10.42 -9.61
C GLY B 575 -35.67 -10.68 -10.46
N GLU B 576 -34.93 -9.62 -10.78
CA GLU B 576 -33.73 -9.79 -11.58
C GLU B 576 -32.63 -10.49 -10.79
N TRP B 577 -32.57 -10.29 -9.48
CA TRP B 577 -31.59 -11.01 -8.66
C TRP B 577 -31.83 -12.50 -8.74
N ILE B 578 -33.09 -12.91 -8.63
CA ILE B 578 -33.44 -14.33 -8.72
C ILE B 578 -33.12 -14.86 -10.11
N THR B 579 -33.46 -14.08 -11.14
CA THR B 579 -33.21 -14.54 -12.50
C THR B 579 -31.72 -14.74 -12.76
N ASP B 580 -30.88 -13.81 -12.29
CA ASP B 580 -29.45 -13.90 -12.52
C ASP B 580 -28.78 -14.98 -11.68
N GLY B 581 -29.45 -15.49 -10.66
CA GLY B 581 -28.82 -16.41 -9.73
C GLY B 581 -28.06 -15.75 -8.60
N GLU B 582 -28.12 -14.42 -8.49
CA GLU B 582 -27.47 -13.76 -7.37
C GLU B 582 -28.13 -14.10 -6.05
N VAL B 583 -29.44 -14.26 -6.04
CA VAL B 583 -30.19 -14.59 -4.84
C VAL B 583 -30.93 -15.89 -5.09
N ASP B 584 -30.75 -16.86 -4.20
CA ASP B 584 -31.45 -18.13 -4.32
C ASP B 584 -32.92 -17.92 -3.97
N ASP B 585 -33.80 -18.63 -4.67
CA ASP B 585 -35.23 -18.51 -4.40
C ASP B 585 -35.73 -19.62 -3.50
N LYS B 586 -35.09 -20.78 -3.51
CA LYS B 586 -35.48 -21.85 -2.61
C LYS B 586 -35.13 -21.56 -1.15
N GLU B 587 -34.29 -20.56 -0.89
CA GLU B 587 -33.81 -20.26 0.45
C GLU B 587 -34.63 -19.16 1.12
N ILE B 588 -34.84 -18.02 0.45
CA ILE B 588 -35.39 -16.84 1.10
C ILE B 588 -36.88 -16.94 1.36
N PHE B 589 -37.58 -17.89 0.74
CA PHE B 589 -39.03 -17.97 0.84
C PHE B 589 -39.50 -19.10 1.75
N LEU B 590 -38.63 -19.62 2.61
CA LEU B 590 -39.01 -20.71 3.48
C LEU B 590 -39.62 -20.18 4.78
N GLU B 591 -40.37 -21.07 5.46
CA GLU B 591 -41.16 -20.65 6.61
C GLU B 591 -40.28 -20.10 7.72
N GLY B 592 -39.16 -20.76 8.00
CA GLY B 592 -38.27 -20.30 9.05
C GLY B 592 -37.30 -19.22 8.64
N SER B 593 -37.36 -18.76 7.39
CA SER B 593 -36.45 -17.73 6.94
C SER B 593 -36.76 -16.40 7.62
N THR B 594 -35.69 -15.63 7.89
CA THR B 594 -35.86 -14.32 8.52
C THR B 594 -36.61 -13.37 7.60
N PHE B 595 -36.32 -13.42 6.29
CA PHE B 595 -36.95 -12.50 5.36
C PHE B 595 -38.46 -12.69 5.33
N ARG B 596 -38.92 -13.93 5.26
CA ARG B 596 -40.35 -14.19 5.23
C ARG B 596 -41.02 -13.73 6.52
N LYS B 597 -40.39 -14.03 7.66
CA LYS B 597 -40.98 -13.68 8.95
C LYS B 597 -41.08 -12.17 9.11
N TRP B 598 -40.09 -11.42 8.64
CA TRP B 598 -40.20 -9.97 8.67
C TRP B 598 -41.23 -9.46 7.67
N TRP B 599 -41.27 -10.06 6.48
CA TRP B 599 -42.12 -9.56 5.41
C TRP B 599 -43.59 -9.71 5.75
N ILE B 600 -43.97 -10.82 6.39
CA ILE B 600 -45.39 -11.04 6.69
C ILE B 600 -45.88 -10.04 7.73
N THR B 601 -44.97 -9.27 8.32
CA THR B 601 -45.34 -8.22 9.25
C THR B 601 -45.61 -6.88 8.59
N LEU B 602 -45.35 -6.76 7.28
CA LEU B 602 -45.60 -5.52 6.58
C LEU B 602 -47.10 -5.25 6.50
N PRO B 603 -47.49 -3.99 6.29
CA PRO B 603 -48.93 -3.68 6.19
C PRO B 603 -49.60 -4.43 5.05
N LYS B 604 -50.86 -4.79 5.27
CA LYS B 604 -51.60 -5.56 4.28
C LYS B 604 -51.74 -4.81 2.96
N ASN B 605 -51.72 -3.47 3.02
CA ASN B 605 -51.75 -2.68 1.80
C ASN B 605 -50.51 -2.94 0.95
N HIS B 606 -49.33 -2.85 1.57
CA HIS B 606 -48.10 -3.16 0.85
C HIS B 606 -48.05 -4.64 0.46
N LYS B 607 -48.46 -5.52 1.38
CA LYS B 607 -48.46 -6.95 1.07
C LYS B 607 -49.33 -7.25 -0.14
N SER B 608 -50.40 -6.48 -0.33
CA SER B 608 -51.24 -6.68 -1.51
C SER B 608 -50.57 -6.11 -2.76
N HIS B 609 -50.12 -4.87 -2.70
CA HIS B 609 -49.56 -4.24 -3.90
C HIS B 609 -48.09 -4.61 -4.13
N SER B 610 -47.49 -5.40 -3.25
CA SER B 610 -46.14 -5.81 -3.59
C SER B 610 -46.17 -6.85 -4.70
N PRO B 611 -45.09 -6.99 -5.49
CA PRO B 611 -45.07 -8.01 -6.55
C PRO B 611 -44.80 -9.42 -6.04
N LEU B 612 -44.86 -9.65 -4.72
CA LEU B 612 -44.55 -10.94 -4.14
C LEU B 612 -45.70 -11.52 -3.33
N ARG B 613 -46.94 -11.33 -3.76
CA ARG B 613 -48.03 -12.02 -3.09
C ARG B 613 -47.90 -13.53 -3.23
N ASP B 614 -47.54 -13.99 -4.42
CA ASP B 614 -47.61 -15.40 -4.79
C ASP B 614 -46.57 -16.27 -4.08
N TYR B 615 -45.62 -15.67 -3.37
CA TYR B 615 -44.57 -16.43 -2.72
C TYR B 615 -44.82 -16.71 -1.24
N MET B 616 -45.45 -15.78 -0.52
CA MET B 616 -45.67 -15.95 0.91
C MET B 616 -47.15 -15.83 1.24
N MET B 617 -47.62 -16.73 2.10
CA MET B 617 -48.89 -16.58 2.79
C MET B 617 -48.64 -16.07 4.20
N ASP B 618 -49.67 -15.50 4.80
CA ASP B 618 -49.55 -15.03 6.18
C ASP B 618 -49.67 -16.21 7.14
#